data_4JVQ
#
_entry.id   4JVQ
#
_cell.length_a   106.120
_cell.length_b   108.020
_cell.length_c   135.420
_cell.angle_alpha   90.00
_cell.angle_beta   90.00
_cell.angle_gamma   90.00
#
_symmetry.space_group_name_H-M   'P 21 21 21'
#
loop_
_entity.id
_entity.type
_entity.pdbx_description
1 polymer 'Genome polyprotein'
2 non-polymer GLYCEROL
3 non-polymer '5-{4-[(4-methoxybenzoyl)amino]phenoxy}-2-{[(trans-4-methylcyclohexyl)carbonyl](propan-2-yl)amino}benzoic acid'
4 non-polymer 'MAGNESIUM ION'
5 water water
#
_entity_poly.entity_id   1
_entity_poly.type   'polypeptide(L)'
_entity_poly.pdbx_seq_one_letter_code
;SMSYTWTGALITPCAAEESKLPINPLSNSLLRHHNMVYATTSRSASLRQKKVTFDRLQVLDDHYRDVLKEMKAKASTVKA
KLLSIEEACKLTPPHSAKSKFGYGAKDVRNLSSRAVNHIRSVWEDLLEDTETPIDTTIMAKSEVFCVQPEKGGRKPARLI
VFPDLGVRVCEKMALYDVVSTLPQAVMGSSYGFQYSPKQRVEFLVNTWKSKKCPMGFSYDTRCFDSTVTESDIRVEESIY
QCCDLAPEARQAIRSLTERLYIGGPLTNSKGQNCGYRRCRASGVLTTSCGNTLTCYLKATAACRAAKLQDCTMLVNGDDL
VVICESAGTQEDAAALRAFTEAMTRYSAPPGDPPQPEYDLELITSCSSNVSVAHDASGKRVYYLTRDPTTPLARAAWETA
RHTPINSWLGNIIMYAPTLWARMILMTHFFSILLAQEQLEKALDCQIYGACYSIEPLDLPQIIERLHGLSAFTLHSYSPG
EINRVASCLRKLGVPPLRTWRHRARSVRAKLLSQGGRAATCGRYLFNWAVRTKLKLTPIPAASQLDLSGWFVAGYSGGDI
YHSLSRARPRHHHHHH
;
_entity_poly.pdbx_strand_id   A,B
#
loop_
_chem_comp.id
_chem_comp.type
_chem_comp.name
_chem_comp.formula
1ML non-polymer '5-{4-[(4-methoxybenzoyl)amino]phenoxy}-2-{[(trans-4-methylcyclohexyl)carbonyl](propan-2-yl)amino}benzoic acid' 'C32 H36 N2 O6'
GOL non-polymer GLYCEROL 'C3 H8 O3'
MG non-polymer 'MAGNESIUM ION' 'Mg 2'
#
# COMPACT_ATOMS: atom_id res chain seq x y z
N SER A 1 -13.33 6.29 -21.43
CA SER A 1 -14.55 7.15 -21.37
C SER A 1 -14.24 8.55 -21.86
N MET A 2 -15.27 9.40 -21.86
CA MET A 2 -15.14 10.79 -22.30
C MET A 2 -14.62 11.62 -21.13
N SER A 3 -13.56 12.38 -21.36
CA SER A 3 -13.01 13.19 -20.30
C SER A 3 -14.09 14.10 -19.72
N TYR A 4 -14.96 14.59 -20.59
CA TYR A 4 -16.05 15.47 -20.17
C TYR A 4 -17.35 15.19 -20.90
N THR A 5 -18.45 15.54 -20.26
CA THR A 5 -19.78 15.42 -20.83
C THR A 5 -20.38 16.79 -20.54
N TRP A 6 -20.97 17.42 -21.55
CA TRP A 6 -21.54 18.74 -21.32
C TRP A 6 -23.06 18.74 -21.44
N THR A 7 -23.71 19.54 -20.61
CA THR A 7 -25.17 19.66 -20.60
C THR A 7 -25.62 20.75 -21.57
N GLY A 8 -24.73 21.70 -21.83
CA GLY A 8 -25.07 22.79 -22.71
C GLY A 8 -24.97 24.11 -22.00
N ALA A 9 -25.16 24.10 -20.67
CA ALA A 9 -25.05 25.32 -19.89
C ALA A 9 -23.64 25.85 -20.12
N LEU A 10 -23.49 27.17 -20.08
CA LEU A 10 -22.20 27.78 -20.34
C LEU A 10 -21.26 27.94 -19.16
N ILE A 11 -19.98 28.08 -19.48
CA ILE A 11 -18.95 28.33 -18.48
C ILE A 11 -19.05 29.85 -18.37
N THR A 12 -19.55 30.32 -17.24
CA THR A 12 -19.76 31.73 -17.04
C THR A 12 -18.77 32.43 -16.11
N PRO A 13 -18.57 33.75 -16.32
CA PRO A 13 -17.65 34.56 -15.53
C PRO A 13 -18.23 34.86 -14.15
N CYS A 14 -17.36 35.20 -13.20
CA CYS A 14 -17.78 35.52 -11.84
C CYS A 14 -18.14 37.01 -11.78
N ALA A 15 -17.50 37.77 -12.65
CA ALA A 15 -17.69 39.21 -12.75
C ALA A 15 -17.13 39.64 -14.10
N ALA A 16 -17.10 40.94 -14.37
CA ALA A 16 -16.56 41.43 -15.64
C ALA A 16 -15.11 40.99 -15.82
N GLU A 17 -14.73 40.68 -17.05
CA GLU A 17 -13.38 40.21 -17.34
C GLU A 17 -12.66 41.14 -18.34
N GLU A 18 -11.43 41.52 -18.02
CA GLU A 18 -10.65 42.39 -18.90
C GLU A 18 -9.80 41.57 -19.86
N SER A 19 -9.73 42.00 -21.12
CA SER A 19 -8.93 41.27 -22.09
C SER A 19 -7.80 42.12 -22.67
N LYS A 20 -8.01 43.43 -22.74
CA LYS A 20 -6.99 44.33 -23.27
C LYS A 20 -6.19 45.01 -22.17
N LEU A 21 -4.90 45.22 -22.43
CA LEU A 21 -4.04 45.88 -21.46
C LEU A 21 -4.60 47.28 -21.27
N PRO A 22 -4.94 47.63 -20.03
CA PRO A 22 -5.50 48.90 -19.55
C PRO A 22 -4.80 50.19 -19.96
N ILE A 23 -5.49 51.30 -19.71
CA ILE A 23 -4.99 52.64 -20.00
C ILE A 23 -4.24 53.15 -18.76
N ASN A 24 -2.92 53.28 -18.88
CA ASN A 24 -2.10 53.76 -17.76
C ASN A 24 -0.81 54.31 -18.33
N PRO A 25 -0.08 55.11 -17.54
CA PRO A 25 1.20 55.72 -17.93
C PRO A 25 2.50 55.00 -17.57
N LEU A 26 2.43 53.96 -16.76
CA LEU A 26 3.64 53.24 -16.36
C LEU A 26 3.98 51.98 -17.16
N SER A 27 2.97 51.34 -17.74
CA SER A 27 3.19 50.13 -18.52
C SER A 27 3.85 50.46 -19.85
N ASN A 28 3.54 51.64 -20.37
CA ASN A 28 4.08 52.08 -21.64
C ASN A 28 5.59 52.27 -21.60
N SER A 29 6.15 52.48 -20.42
CA SER A 29 7.59 52.65 -20.32
C SER A 29 8.27 51.28 -20.36
N LEU A 30 7.49 50.23 -20.13
CA LEU A 30 8.02 48.86 -20.16
C LEU A 30 7.93 48.29 -21.57
N LEU A 31 6.75 48.38 -22.19
CA LEU A 31 6.58 47.89 -23.56
C LEU A 31 5.52 48.71 -24.28
N ARG A 32 5.85 49.19 -25.47
CA ARG A 32 4.93 50.03 -26.23
C ARG A 32 3.79 49.32 -26.98
N HIS A 33 4.03 48.12 -27.48
CA HIS A 33 3.01 47.39 -28.23
C HIS A 33 1.97 46.73 -27.33
N HIS A 34 1.22 47.56 -26.60
CA HIS A 34 0.21 47.05 -25.70
C HIS A 34 -0.91 46.23 -26.34
N ASN A 35 -1.15 46.42 -27.64
CA ASN A 35 -2.22 45.67 -28.31
C ASN A 35 -1.82 44.21 -28.56
N MET A 36 -0.58 43.87 -28.23
CA MET A 36 -0.10 42.51 -28.40
C MET A 36 -0.28 41.70 -27.12
N VAL A 37 -0.69 42.39 -26.06
CA VAL A 37 -0.90 41.75 -24.78
C VAL A 37 -2.39 41.58 -24.52
N TYR A 38 -2.77 40.39 -24.06
CA TYR A 38 -4.17 40.13 -23.78
C TYR A 38 -4.32 39.12 -22.64
N ALA A 39 -5.52 39.10 -22.05
CA ALA A 39 -5.83 38.16 -20.98
C ALA A 39 -6.97 37.28 -21.49
N THR A 40 -6.92 35.98 -21.21
CA THR A 40 -7.98 35.07 -21.64
C THR A 40 -9.23 35.32 -20.80
N THR A 41 -10.39 35.06 -21.40
CA THR A 41 -11.67 35.23 -20.71
C THR A 41 -12.58 34.04 -20.99
N SER A 42 -13.72 34.01 -20.33
CA SER A 42 -14.68 32.93 -20.50
C SER A 42 -15.26 32.92 -21.90
N ARG A 43 -15.05 34.01 -22.64
CA ARG A 43 -15.56 34.10 -23.99
C ARG A 43 -14.93 33.08 -24.92
N SER A 44 -13.80 32.49 -24.51
CA SER A 44 -13.13 31.50 -25.33
C SER A 44 -13.26 30.10 -24.72
N ALA A 45 -14.06 30.00 -23.67
CA ALA A 45 -14.27 28.73 -22.98
C ALA A 45 -14.70 27.57 -23.88
N SER A 46 -15.63 27.83 -24.79
CA SER A 46 -16.10 26.77 -25.68
C SER A 46 -15.01 26.19 -26.57
N LEU A 47 -14.00 26.98 -26.91
CA LEU A 47 -12.90 26.49 -27.73
C LEU A 47 -12.03 25.52 -26.95
N ARG A 48 -11.80 25.82 -25.68
CA ARG A 48 -10.99 24.94 -24.84
C ARG A 48 -11.80 23.66 -24.62
N GLN A 49 -13.08 23.82 -24.34
CA GLN A 49 -13.97 22.68 -24.11
C GLN A 49 -13.88 21.66 -25.21
N LYS A 50 -13.90 22.14 -26.45
CA LYS A 50 -13.81 21.26 -27.60
C LYS A 50 -12.48 20.51 -27.59
N LYS A 51 -11.40 21.22 -27.30
CA LYS A 51 -10.10 20.61 -27.28
C LYS A 51 -9.90 19.58 -26.17
N VAL A 52 -10.40 19.85 -24.97
CA VAL A 52 -10.21 18.91 -23.86
C VAL A 52 -11.23 17.78 -23.77
N THR A 53 -12.22 17.78 -24.64
CA THR A 53 -13.24 16.75 -24.62
C THR A 53 -12.99 15.64 -25.65
N PHE A 54 -12.71 14.44 -25.16
CA PHE A 54 -12.44 13.32 -26.05
C PHE A 54 -12.45 12.01 -25.28
N ASP A 55 -12.56 10.92 -26.02
CA ASP A 55 -12.59 9.59 -25.41
C ASP A 55 -11.16 9.10 -25.28
N ARG A 56 -10.77 8.70 -24.08
CA ARG A 56 -9.40 8.22 -23.89
C ARG A 56 -9.21 6.77 -24.32
N LEU A 57 -7.99 6.47 -24.74
CA LEU A 57 -7.62 5.12 -25.16
C LEU A 57 -6.51 4.69 -24.22
N GLN A 58 -6.68 3.57 -23.54
CA GLN A 58 -5.63 3.14 -22.63
C GLN A 58 -5.41 1.64 -22.55
N VAL A 59 -4.18 1.24 -22.83
CA VAL A 59 -3.80 -0.15 -22.81
C VAL A 59 -2.55 -0.30 -21.94
N LEU A 60 -2.68 -0.97 -20.81
CA LEU A 60 -1.55 -1.16 -19.92
C LEU A 60 -0.80 -2.44 -20.30
N ASP A 61 0.47 -2.52 -19.92
CA ASP A 61 1.28 -3.69 -20.24
C ASP A 61 2.19 -4.04 -19.06
N ASP A 62 3.03 -5.07 -19.24
CA ASP A 62 3.93 -5.50 -18.17
C ASP A 62 4.92 -4.43 -17.70
N HIS A 63 5.43 -3.62 -18.62
CA HIS A 63 6.36 -2.57 -18.24
C HIS A 63 5.69 -1.57 -17.29
N TYR A 64 4.45 -1.22 -17.63
CA TYR A 64 3.68 -0.30 -16.83
C TYR A 64 3.50 -0.90 -15.44
N ARG A 65 3.08 -2.16 -15.39
CA ARG A 65 2.89 -2.83 -14.11
C ARG A 65 4.17 -3.02 -13.30
N ASP A 66 5.27 -3.31 -13.98
CA ASP A 66 6.55 -3.48 -13.30
C ASP A 66 6.98 -2.18 -12.64
N VAL A 67 6.85 -1.07 -13.36
CA VAL A 67 7.24 0.21 -12.81
C VAL A 67 6.34 0.62 -11.65
N LEU A 68 5.05 0.34 -11.78
CA LEU A 68 4.11 0.66 -10.73
C LEU A 68 4.48 -0.04 -9.42
N LYS A 69 4.80 -1.33 -9.50
CA LYS A 69 5.18 -2.06 -8.29
C LYS A 69 6.45 -1.46 -7.70
N GLU A 70 7.37 -1.03 -8.56
CA GLU A 70 8.61 -0.42 -8.08
C GLU A 70 8.29 0.86 -7.32
N MET A 71 7.34 1.63 -7.83
CA MET A 71 6.95 2.87 -7.17
C MET A 71 6.24 2.59 -5.84
N LYS A 72 5.36 1.59 -5.81
CA LYS A 72 4.65 1.27 -4.57
C LYS A 72 5.62 0.78 -3.49
N ALA A 73 6.64 0.03 -3.92
CA ALA A 73 7.63 -0.49 -2.98
C ALA A 73 8.29 0.67 -2.22
N LYS A 74 8.55 1.77 -2.91
CA LYS A 74 9.17 2.94 -2.28
C LYS A 74 8.15 3.72 -1.48
N ALA A 75 6.92 3.80 -1.99
CA ALA A 75 5.87 4.50 -1.28
C ALA A 75 5.65 3.83 0.08
N SER A 76 5.88 2.53 0.12
CA SER A 76 5.73 1.71 1.33
C SER A 76 6.62 2.10 2.52
N THR A 77 7.64 2.92 2.27
CA THR A 77 8.52 3.33 3.34
C THR A 77 8.00 4.58 4.02
N VAL A 78 6.99 5.19 3.42
CA VAL A 78 6.42 6.42 3.94
C VAL A 78 5.40 6.33 5.07
N LYS A 79 5.44 7.32 5.94
CA LYS A 79 4.52 7.44 7.06
C LYS A 79 4.01 8.87 7.00
N ALA A 80 2.74 9.03 6.66
CA ALA A 80 2.14 10.34 6.54
C ALA A 80 1.32 10.67 7.78
N LYS A 81 1.32 11.94 8.16
CA LYS A 81 0.57 12.33 9.33
C LYS A 81 -0.70 13.07 8.93
N LEU A 82 -1.67 13.02 9.83
CA LEU A 82 -2.95 13.68 9.62
C LEU A 82 -2.73 15.11 10.11
N LEU A 83 -3.21 16.09 9.35
CA LEU A 83 -3.05 17.47 9.78
C LEU A 83 -4.25 17.82 10.63
N SER A 84 -4.07 18.74 11.57
CA SER A 84 -5.17 19.17 12.43
C SER A 84 -5.95 20.23 11.66
N ILE A 85 -7.20 20.45 12.04
CA ILE A 85 -8.01 21.46 11.36
C ILE A 85 -7.26 22.80 11.41
N GLU A 86 -6.61 23.06 12.54
CA GLU A 86 -5.86 24.30 12.71
C GLU A 86 -4.68 24.40 11.74
N GLU A 87 -3.94 23.32 11.59
CA GLU A 87 -2.78 23.29 10.69
C GLU A 87 -3.25 23.47 9.26
N ALA A 88 -4.32 22.77 8.90
CA ALA A 88 -4.88 22.83 7.55
C ALA A 88 -5.43 24.22 7.26
N CYS A 89 -5.99 24.87 8.28
CA CYS A 89 -6.54 26.21 8.10
C CYS A 89 -5.44 27.22 7.78
N LYS A 90 -4.35 27.15 8.52
CA LYS A 90 -3.22 28.07 8.33
C LYS A 90 -2.62 28.02 6.93
N LEU A 91 -2.80 26.91 6.22
CA LEU A 91 -2.26 26.75 4.88
C LEU A 91 -3.15 27.41 3.83
N THR A 92 -4.36 27.78 4.22
CA THR A 92 -5.29 28.41 3.29
C THR A 92 -4.91 29.86 2.95
N PRO A 93 -4.82 30.16 1.65
CA PRO A 93 -4.46 31.51 1.20
C PRO A 93 -5.55 32.51 1.60
N PRO A 94 -5.16 33.73 2.00
CA PRO A 94 -6.11 34.76 2.41
C PRO A 94 -7.13 35.10 1.34
N HIS A 95 -6.74 34.94 0.08
CA HIS A 95 -7.61 35.24 -1.06
C HIS A 95 -8.21 34.01 -1.73
N SER A 96 -8.31 32.91 -1.00
CA SER A 96 -8.89 31.68 -1.53
C SER A 96 -10.39 31.88 -1.72
N ALA A 97 -10.95 31.29 -2.77
CA ALA A 97 -12.38 31.43 -3.03
C ALA A 97 -13.20 31.04 -1.81
N LYS A 98 -14.13 31.90 -1.45
CA LYS A 98 -14.98 31.66 -0.28
C LYS A 98 -15.89 30.45 -0.40
N SER A 99 -16.31 29.94 0.75
CA SER A 99 -17.21 28.80 0.79
C SER A 99 -18.62 29.31 0.53
N LYS A 100 -19.46 28.45 -0.04
CA LYS A 100 -20.83 28.83 -0.33
C LYS A 100 -21.69 28.53 0.88
N PHE A 101 -21.04 28.15 1.98
CA PHE A 101 -21.74 27.82 3.21
C PHE A 101 -21.60 28.87 4.31
N GLY A 102 -21.56 30.14 3.90
CA GLY A 102 -21.48 31.23 4.85
C GLY A 102 -20.15 31.64 5.45
N TYR A 103 -19.05 31.46 4.71
CA TYR A 103 -17.75 31.86 5.24
C TYR A 103 -16.69 31.90 4.15
N GLY A 104 -15.62 32.65 4.41
CA GLY A 104 -14.56 32.77 3.43
C GLY A 104 -13.19 32.44 3.98
N ALA A 105 -12.17 32.72 3.17
CA ALA A 105 -10.78 32.45 3.53
C ALA A 105 -10.37 33.05 4.86
N LYS A 106 -10.70 34.33 5.09
CA LYS A 106 -10.34 35.00 6.33
C LYS A 106 -10.87 34.25 7.56
N ASP A 107 -12.14 33.87 7.50
CA ASP A 107 -12.74 33.14 8.62
C ASP A 107 -12.01 31.82 8.87
N VAL A 108 -11.66 31.14 7.78
CA VAL A 108 -10.94 29.87 7.88
C VAL A 108 -9.60 30.08 8.57
N ARG A 109 -8.86 31.11 8.13
CA ARG A 109 -7.56 31.40 8.72
C ARG A 109 -7.68 31.84 10.18
N ASN A 110 -8.81 32.47 10.51
CA ASN A 110 -9.05 32.94 11.89
C ASN A 110 -9.70 31.87 12.77
N LEU A 111 -9.91 30.68 12.20
CA LEU A 111 -10.51 29.58 12.93
C LEU A 111 -11.89 29.94 13.50
N SER A 112 -12.61 30.79 12.77
CA SER A 112 -13.94 31.20 13.22
C SER A 112 -14.84 29.98 13.37
N SER A 113 -15.63 29.99 14.44
CA SER A 113 -16.56 28.91 14.76
C SER A 113 -17.39 28.40 13.57
N ARG A 114 -17.89 29.31 12.75
CA ARG A 114 -18.72 28.94 11.60
C ARG A 114 -17.94 28.17 10.54
N ALA A 115 -16.67 28.55 10.34
CA ALA A 115 -15.84 27.88 9.36
C ALA A 115 -15.43 26.50 9.87
N VAL A 116 -14.83 26.49 11.06
CA VAL A 116 -14.36 25.26 11.68
C VAL A 116 -15.45 24.19 11.85
N ASN A 117 -16.65 24.61 12.26
CA ASN A 117 -17.73 23.64 12.43
C ASN A 117 -18.16 23.01 11.12
N HIS A 118 -18.20 23.81 10.05
CA HIS A 118 -18.60 23.27 8.75
C HIS A 118 -17.52 22.37 8.20
N ILE A 119 -16.28 22.80 8.33
CA ILE A 119 -15.15 22.02 7.85
C ILE A 119 -15.20 20.66 8.52
N ARG A 120 -15.45 20.67 9.84
CA ARG A 120 -15.53 19.45 10.62
C ARG A 120 -16.65 18.55 10.08
N SER A 121 -17.78 19.14 9.71
CA SER A 121 -18.90 18.39 9.19
C SER A 121 -18.57 17.81 7.81
N VAL A 122 -17.76 18.52 7.04
CA VAL A 122 -17.36 18.01 5.74
C VAL A 122 -16.46 16.79 5.97
N TRP A 123 -15.58 16.86 6.96
CA TRP A 123 -14.67 15.75 7.26
C TRP A 123 -15.46 14.50 7.68
N GLU A 124 -16.38 14.66 8.63
CA GLU A 124 -17.20 13.52 9.07
C GLU A 124 -17.90 12.93 7.85
N ASP A 125 -18.43 13.79 7.00
CA ASP A 125 -19.12 13.31 5.81
C ASP A 125 -18.20 12.46 4.93
N LEU A 126 -16.92 12.80 4.88
CA LEU A 126 -15.97 12.02 4.09
C LEU A 126 -15.75 10.65 4.72
N LEU A 127 -15.85 10.56 6.04
CA LEU A 127 -15.66 9.29 6.72
C LEU A 127 -16.88 8.37 6.60
N GLU A 128 -18.05 8.97 6.48
CA GLU A 128 -19.31 8.23 6.40
C GLU A 128 -19.80 7.92 4.99
N ASP A 129 -19.68 8.88 4.07
CA ASP A 129 -20.11 8.69 2.70
C ASP A 129 -18.90 8.39 1.81
N THR A 130 -18.94 7.24 1.17
CA THR A 130 -17.83 6.79 0.33
C THR A 130 -18.13 6.83 -1.16
N GLU A 131 -19.34 7.27 -1.53
CA GLU A 131 -19.73 7.25 -2.92
C GLU A 131 -20.18 8.55 -3.58
N THR A 132 -21.08 9.27 -2.91
CA THR A 132 -21.64 10.51 -3.45
C THR A 132 -20.63 11.50 -4.06
N PRO A 133 -20.72 11.70 -5.38
CA PRO A 133 -19.83 12.63 -6.09
C PRO A 133 -19.90 14.02 -5.48
N ILE A 134 -18.73 14.62 -5.24
CA ILE A 134 -18.67 15.95 -4.67
C ILE A 134 -18.77 16.98 -5.77
N ASP A 135 -19.54 18.03 -5.51
CA ASP A 135 -19.74 19.07 -6.50
C ASP A 135 -18.52 19.95 -6.68
N THR A 136 -18.28 20.37 -7.92
CA THR A 136 -17.16 21.27 -8.19
C THR A 136 -17.64 22.43 -9.03
N THR A 137 -16.82 23.48 -9.10
CA THR A 137 -17.16 24.62 -9.89
C THR A 137 -16.16 24.67 -11.02
N ILE A 138 -16.62 25.00 -12.22
CA ILE A 138 -15.73 25.11 -13.36
C ILE A 138 -15.73 26.57 -13.85
N MET A 139 -14.54 27.15 -13.94
CA MET A 139 -14.36 28.54 -14.36
C MET A 139 -13.34 28.64 -15.49
N ALA A 140 -13.35 29.76 -16.20
CA ALA A 140 -12.38 29.99 -17.25
C ALA A 140 -11.27 30.74 -16.53
N LYS A 141 -10.03 30.34 -16.73
CA LYS A 141 -8.94 31.00 -16.03
C LYS A 141 -8.51 32.24 -16.79
N SER A 142 -8.13 33.28 -16.04
CA SER A 142 -7.67 34.52 -16.65
C SER A 142 -6.14 34.54 -16.60
N GLU A 143 -5.51 34.43 -17.77
CA GLU A 143 -4.05 34.46 -17.87
C GLU A 143 -3.63 35.42 -18.97
N VAL A 144 -2.48 36.06 -18.77
CA VAL A 144 -1.94 37.02 -19.73
C VAL A 144 -0.91 36.40 -20.67
N PHE A 145 -0.98 36.78 -21.95
CA PHE A 145 -0.07 36.28 -22.97
C PHE A 145 0.17 37.37 -24.01
N CYS A 146 1.07 37.07 -24.94
CA CYS A 146 1.38 37.97 -26.04
C CYS A 146 0.88 37.23 -27.27
N VAL A 147 0.21 37.93 -28.18
CA VAL A 147 -0.29 37.29 -29.38
C VAL A 147 0.84 36.64 -30.16
N GLN A 148 0.52 35.57 -30.89
CA GLN A 148 1.53 34.88 -31.68
C GLN A 148 1.17 34.89 -33.16
N PRO A 149 2.17 34.71 -34.03
CA PRO A 149 1.94 34.70 -35.49
C PRO A 149 1.06 33.54 -35.93
N GLY A 153 -3.40 32.59 -33.20
CA GLY A 153 -3.08 33.96 -32.68
C GLY A 153 -3.17 34.05 -31.16
N ARG A 154 -4.37 33.85 -30.63
CA ARG A 154 -4.62 33.90 -29.18
C ARG A 154 -4.91 32.51 -28.63
N LYS A 155 -4.57 32.30 -27.37
CA LYS A 155 -4.79 31.02 -26.70
C LYS A 155 -6.13 31.03 -25.97
N PRO A 156 -6.88 29.92 -26.07
CA PRO A 156 -8.17 29.82 -25.39
C PRO A 156 -7.90 29.70 -23.90
N ALA A 157 -8.79 30.25 -23.07
CA ALA A 157 -8.63 30.20 -21.63
C ALA A 157 -8.62 28.74 -21.16
N ARG A 158 -7.88 28.46 -20.11
CA ARG A 158 -7.87 27.11 -19.57
C ARG A 158 -9.02 27.02 -18.58
N LEU A 159 -9.45 25.80 -18.29
CA LEU A 159 -10.55 25.58 -17.37
C LEU A 159 -10.06 25.07 -16.02
N ILE A 160 -10.48 25.70 -14.95
CA ILE A 160 -10.09 25.25 -13.62
C ILE A 160 -11.33 24.67 -12.93
N VAL A 161 -11.14 23.53 -12.28
CA VAL A 161 -12.21 22.82 -11.60
C VAL A 161 -11.81 22.62 -10.15
N PHE A 162 -12.60 23.14 -9.23
CA PHE A 162 -12.26 23.01 -7.82
C PHE A 162 -13.47 22.79 -6.95
N PRO A 163 -13.27 22.14 -5.79
CA PRO A 163 -14.34 21.87 -4.84
C PRO A 163 -14.49 23.05 -3.90
N ASP A 164 -15.50 23.03 -3.05
CA ASP A 164 -15.75 24.12 -2.11
C ASP A 164 -14.60 24.27 -1.10
N LEU A 165 -14.52 25.45 -0.48
CA LEU A 165 -13.47 25.73 0.49
C LEU A 165 -13.38 24.68 1.60
N GLY A 166 -14.53 24.24 2.09
CA GLY A 166 -14.54 23.24 3.15
C GLY A 166 -13.86 21.95 2.74
N VAL A 167 -14.17 21.49 1.54
CA VAL A 167 -13.56 20.26 1.03
C VAL A 167 -12.06 20.45 0.84
N ARG A 168 -11.66 21.64 0.40
CA ARG A 168 -10.24 21.94 0.21
C ARG A 168 -9.47 21.85 1.51
N VAL A 169 -10.07 22.32 2.61
CA VAL A 169 -9.39 22.25 3.90
C VAL A 169 -9.26 20.77 4.31
N CYS A 170 -10.29 19.98 4.01
CA CYS A 170 -10.25 18.58 4.34
C CYS A 170 -9.16 17.84 3.55
N GLU A 171 -8.94 18.27 2.31
CA GLU A 171 -7.93 17.65 1.47
C GLU A 171 -6.58 17.84 2.13
N LYS A 172 -6.32 19.05 2.61
CA LYS A 172 -5.05 19.33 3.25
C LYS A 172 -4.89 18.43 4.47
N MET A 173 -5.93 18.33 5.28
CA MET A 173 -5.85 17.49 6.46
C MET A 173 -5.43 16.08 6.17
N ALA A 174 -6.03 15.48 5.15
CA ALA A 174 -5.73 14.10 4.82
C ALA A 174 -4.54 13.86 3.91
N LEU A 175 -4.25 14.81 3.02
CA LEU A 175 -3.19 14.60 2.05
C LEU A 175 -2.02 15.58 1.94
N TYR A 176 -2.03 16.66 2.70
CA TYR A 176 -0.94 17.63 2.61
C TYR A 176 0.42 17.00 2.88
N ASP A 177 0.51 16.20 3.94
CA ASP A 177 1.78 15.56 4.27
C ASP A 177 2.17 14.54 3.21
N VAL A 178 1.17 13.86 2.65
CA VAL A 178 1.41 12.86 1.61
C VAL A 178 1.97 13.53 0.35
N VAL A 179 1.24 14.50 -0.21
CA VAL A 179 1.71 15.16 -1.42
C VAL A 179 2.99 15.98 -1.25
N SER A 180 3.40 16.20 0.00
CA SER A 180 4.62 16.97 0.26
C SER A 180 5.85 16.09 0.47
N THR A 181 5.63 14.80 0.75
CA THR A 181 6.76 13.92 1.01
C THR A 181 6.88 12.68 0.12
N LEU A 182 5.76 12.09 -0.26
CA LEU A 182 5.76 10.89 -1.08
C LEU A 182 6.44 10.95 -2.44
N PRO A 183 6.15 12.00 -3.23
CA PRO A 183 6.75 12.14 -4.56
C PRO A 183 8.27 12.00 -4.54
N GLN A 184 8.90 12.66 -3.57
CA GLN A 184 10.35 12.62 -3.44
C GLN A 184 10.81 11.22 -3.04
N ALA A 185 10.05 10.58 -2.16
CA ALA A 185 10.43 9.24 -1.70
C ALA A 185 10.28 8.23 -2.81
N VAL A 186 9.31 8.46 -3.70
CA VAL A 186 9.05 7.54 -4.80
C VAL A 186 9.93 7.77 -6.03
N MET A 187 10.13 9.02 -6.41
CA MET A 187 10.89 9.34 -7.61
C MET A 187 12.32 9.79 -7.39
N GLY A 188 12.64 10.13 -6.14
CA GLY A 188 14.00 10.57 -5.83
C GLY A 188 14.45 11.79 -6.60
N SER A 189 15.65 11.70 -7.17
CA SER A 189 16.24 12.81 -7.92
C SER A 189 15.41 13.25 -9.12
N SER A 190 14.51 12.40 -9.59
CA SER A 190 13.68 12.73 -10.75
C SER A 190 12.53 13.68 -10.44
N TYR A 191 12.22 13.85 -9.16
CA TYR A 191 11.13 14.74 -8.75
C TYR A 191 11.57 16.19 -8.89
N GLY A 192 11.00 16.88 -9.88
CA GLY A 192 11.39 18.26 -10.16
C GLY A 192 11.25 19.35 -9.12
N PHE A 193 10.18 19.33 -8.36
CA PHE A 193 9.94 20.38 -7.38
C PHE A 193 10.83 20.47 -6.13
N GLN A 194 11.72 19.50 -5.97
CA GLN A 194 12.63 19.51 -4.83
C GLN A 194 13.81 20.45 -5.10
N TYR A 195 13.91 20.94 -6.34
CA TYR A 195 15.01 21.79 -6.73
C TYR A 195 14.69 23.28 -6.89
N SER A 196 15.69 24.09 -6.59
CA SER A 196 15.60 25.54 -6.77
C SER A 196 16.09 25.65 -8.22
N PRO A 197 15.97 26.83 -8.85
CA PRO A 197 16.43 26.93 -10.24
C PRO A 197 17.90 26.52 -10.40
N LYS A 198 18.73 26.93 -9.46
CA LYS A 198 20.15 26.60 -9.51
C LYS A 198 20.37 25.10 -9.38
N GLN A 199 19.59 24.45 -8.52
CA GLN A 199 19.73 23.01 -8.32
C GLN A 199 19.18 22.21 -9.50
N ARG A 200 18.15 22.73 -10.14
CA ARG A 200 17.56 22.05 -11.30
C ARG A 200 18.62 22.04 -12.41
N VAL A 201 19.29 23.18 -12.56
CA VAL A 201 20.33 23.31 -13.57
C VAL A 201 21.46 22.35 -13.26
N GLU A 202 21.83 22.27 -11.98
CA GLU A 202 22.89 21.38 -11.56
C GLU A 202 22.51 19.93 -11.87
N PHE A 203 21.27 19.57 -11.57
CA PHE A 203 20.81 18.21 -11.84
C PHE A 203 20.84 17.95 -13.35
N LEU A 204 20.32 18.88 -14.15
CA LEU A 204 20.32 18.72 -15.59
C LEU A 204 21.72 18.68 -16.20
N VAL A 205 22.62 19.55 -15.73
CA VAL A 205 23.98 19.55 -16.25
C VAL A 205 24.75 18.29 -15.88
N ASN A 206 24.66 17.89 -14.61
CA ASN A 206 25.34 16.68 -14.15
C ASN A 206 24.83 15.46 -14.93
N THR A 207 23.51 15.36 -15.04
CA THR A 207 22.91 14.24 -15.76
C THR A 207 23.40 14.21 -17.20
N TRP A 208 23.49 15.39 -17.79
CA TRP A 208 23.93 15.49 -19.16
C TRP A 208 25.40 15.09 -19.30
N LYS A 209 26.21 15.45 -18.31
CA LYS A 209 27.62 15.11 -18.35
C LYS A 209 27.89 13.67 -17.96
N SER A 210 26.90 12.99 -17.41
CA SER A 210 27.08 11.60 -17.00
C SER A 210 26.87 10.61 -18.13
N LYS A 211 26.47 11.10 -19.30
CA LYS A 211 26.25 10.22 -20.46
C LYS A 211 27.47 10.28 -21.37
N LYS A 212 27.85 9.13 -21.91
CA LYS A 212 29.00 9.06 -22.80
C LYS A 212 28.74 9.96 -24.00
N CYS A 213 27.52 9.89 -24.53
CA CYS A 213 27.08 10.70 -25.66
C CYS A 213 25.61 10.98 -25.37
N PRO A 214 25.32 12.14 -24.77
CA PRO A 214 23.96 12.55 -24.40
C PRO A 214 22.96 12.90 -25.49
N MET A 215 21.71 12.55 -25.22
CA MET A 215 20.58 12.84 -26.09
C MET A 215 19.44 13.10 -25.13
N GLY A 216 18.70 14.16 -25.36
CA GLY A 216 17.59 14.47 -24.49
C GLY A 216 16.41 15.02 -25.23
N PHE A 217 15.26 15.06 -24.56
CA PHE A 217 14.07 15.60 -25.18
C PHE A 217 13.02 15.95 -24.16
N SER A 218 12.18 16.90 -24.52
CA SER A 218 11.08 17.31 -23.67
C SER A 218 9.90 16.58 -24.30
N TYR A 219 8.96 16.14 -23.47
CA TYR A 219 7.80 15.47 -24.01
C TYR A 219 6.58 16.26 -23.60
N ASP A 220 5.86 16.76 -24.59
CA ASP A 220 4.65 17.54 -24.36
C ASP A 220 3.41 16.66 -24.55
N THR A 221 2.70 16.41 -23.46
CA THR A 221 1.48 15.63 -23.51
C THR A 221 0.34 16.58 -23.86
N ARG A 222 -0.45 16.21 -24.86
CA ARG A 222 -1.58 17.05 -25.26
C ARG A 222 -2.63 17.10 -24.15
N CYS A 223 -2.83 18.27 -23.55
CA CYS A 223 -3.82 18.44 -22.48
C CYS A 223 -3.76 17.29 -21.48
N PHE A 224 -2.63 17.19 -20.78
CA PHE A 224 -2.41 16.11 -19.83
C PHE A 224 -3.57 15.78 -18.89
N ASP A 225 -4.11 16.80 -18.21
CA ASP A 225 -5.22 16.60 -17.27
C ASP A 225 -6.39 15.78 -17.82
N SER A 226 -6.80 16.05 -19.05
CA SER A 226 -7.92 15.32 -19.62
C SER A 226 -7.49 13.93 -20.12
N THR A 227 -6.20 13.66 -20.17
CA THR A 227 -5.76 12.35 -20.62
C THR A 227 -5.71 11.39 -19.42
N VAL A 228 -5.81 11.94 -18.22
CA VAL A 228 -5.78 11.12 -17.02
C VAL A 228 -7.11 10.41 -16.87
N THR A 229 -7.06 9.09 -16.78
CA THR A 229 -8.25 8.27 -16.67
C THR A 229 -8.59 7.87 -15.24
N GLU A 230 -9.77 7.30 -15.07
CA GLU A 230 -10.22 6.84 -13.77
C GLU A 230 -9.20 5.85 -13.23
N SER A 231 -8.69 5.01 -14.11
CA SER A 231 -7.70 4.00 -13.76
C SER A 231 -6.42 4.65 -13.21
N ASP A 232 -5.97 5.73 -13.86
CA ASP A 232 -4.76 6.44 -13.44
C ASP A 232 -4.93 6.98 -12.03
N ILE A 233 -6.09 7.57 -11.76
CA ILE A 233 -6.37 8.15 -10.47
C ILE A 233 -6.46 7.10 -9.37
N ARG A 234 -6.94 5.92 -9.72
CA ARG A 234 -7.01 4.85 -8.74
C ARG A 234 -5.62 4.25 -8.51
N VAL A 235 -4.80 4.22 -9.56
CA VAL A 235 -3.44 3.70 -9.45
C VAL A 235 -2.68 4.68 -8.55
N GLU A 236 -2.95 5.96 -8.75
CA GLU A 236 -2.36 7.01 -7.97
C GLU A 236 -2.74 6.79 -6.50
N GLU A 237 -4.01 6.51 -6.24
CA GLU A 237 -4.44 6.26 -4.86
C GLU A 237 -3.78 5.01 -4.29
N SER A 238 -3.61 3.96 -5.10
CA SER A 238 -3.00 2.73 -4.61
C SER A 238 -1.58 3.02 -4.10
N ILE A 239 -0.95 4.05 -4.66
CA ILE A 239 0.39 4.42 -4.22
C ILE A 239 0.25 5.14 -2.87
N TYR A 240 -0.76 6.00 -2.73
CA TYR A 240 -0.96 6.71 -1.48
C TYR A 240 -1.29 5.74 -0.34
N GLN A 241 -2.07 4.70 -0.65
CA GLN A 241 -2.49 3.69 0.32
C GLN A 241 -1.32 2.84 0.87
N CYS A 242 -0.17 2.93 0.22
CA CYS A 242 1.00 2.19 0.67
C CYS A 242 1.65 2.92 1.85
N CYS A 243 1.27 4.17 2.07
CA CYS A 243 1.79 4.94 3.21
C CYS A 243 1.16 4.46 4.51
N ASP A 244 1.87 4.65 5.62
CA ASP A 244 1.28 4.30 6.91
C ASP A 244 0.37 5.50 7.13
N LEU A 245 -0.92 5.26 7.27
CA LEU A 245 -1.88 6.34 7.45
C LEU A 245 -2.78 6.15 8.65
N ALA A 246 -3.28 7.25 9.19
CA ALA A 246 -4.21 7.15 10.31
C ALA A 246 -5.47 6.60 9.67
N PRO A 247 -6.28 5.86 10.43
CA PRO A 247 -7.51 5.29 9.87
C PRO A 247 -8.42 6.32 9.15
N GLU A 248 -8.56 7.50 9.73
CA GLU A 248 -9.41 8.52 9.14
C GLU A 248 -8.79 9.09 7.88
N ALA A 249 -7.46 9.17 7.84
CA ALA A 249 -6.80 9.69 6.66
C ALA A 249 -7.04 8.70 5.54
N ARG A 250 -6.86 7.41 5.87
CA ARG A 250 -7.04 6.34 4.90
C ARG A 250 -8.45 6.34 4.30
N GLN A 251 -9.46 6.55 5.15
CA GLN A 251 -10.83 6.59 4.67
C GLN A 251 -11.07 7.88 3.86
N ALA A 252 -10.50 9.00 4.30
CA ALA A 252 -10.67 10.27 3.59
C ALA A 252 -10.08 10.18 2.18
N ILE A 253 -8.90 9.58 2.07
CA ILE A 253 -8.21 9.42 0.80
C ILE A 253 -9.05 8.53 -0.12
N ARG A 254 -9.59 7.45 0.44
CA ARG A 254 -10.43 6.51 -0.30
C ARG A 254 -11.69 7.25 -0.77
N SER A 255 -12.36 7.94 0.16
CA SER A 255 -13.58 8.68 -0.20
C SER A 255 -13.30 9.82 -1.20
N LEU A 256 -12.27 10.61 -0.93
CA LEU A 256 -11.92 11.72 -1.83
C LEU A 256 -11.62 11.18 -3.24
N THR A 257 -10.96 10.03 -3.31
CA THR A 257 -10.63 9.45 -4.60
C THR A 257 -11.88 9.16 -5.45
N GLU A 258 -12.86 8.48 -4.86
CA GLU A 258 -14.08 8.09 -5.56
C GLU A 258 -15.08 9.22 -5.70
N ARG A 259 -15.06 10.16 -4.76
CA ARG A 259 -16.03 11.24 -4.78
C ARG A 259 -15.58 12.53 -5.46
N LEU A 260 -14.28 12.75 -5.56
CA LEU A 260 -13.77 13.99 -6.12
C LEU A 260 -12.70 13.84 -7.21
N TYR A 261 -11.65 13.07 -6.92
CA TYR A 261 -10.56 12.93 -7.87
C TYR A 261 -10.83 12.22 -9.21
N ILE A 262 -11.54 11.10 -9.20
CA ILE A 262 -11.81 10.37 -10.44
C ILE A 262 -12.85 11.05 -11.32
N GLY A 263 -13.55 12.03 -10.77
CA GLY A 263 -14.55 12.71 -11.57
C GLY A 263 -15.64 13.31 -10.71
N GLY A 264 -16.64 13.90 -11.35
CA GLY A 264 -17.71 14.51 -10.61
C GLY A 264 -18.46 15.53 -11.44
N PRO A 265 -19.60 16.00 -10.94
CA PRO A 265 -20.43 16.99 -11.61
C PRO A 265 -19.80 18.38 -11.62
N LEU A 266 -19.99 19.11 -12.71
CA LEU A 266 -19.46 20.44 -12.87
C LEU A 266 -20.57 21.49 -12.76
N THR A 267 -20.32 22.56 -12.01
CA THR A 267 -21.30 23.63 -11.86
C THR A 267 -20.65 24.94 -12.24
N ASN A 268 -21.31 25.76 -13.08
CA ASN A 268 -20.73 27.04 -13.46
C ASN A 268 -20.92 28.03 -12.32
N SER A 269 -20.43 29.25 -12.51
CA SER A 269 -20.53 30.28 -11.47
C SER A 269 -21.96 30.69 -11.12
N LYS A 270 -22.91 30.42 -12.01
CA LYS A 270 -24.29 30.79 -11.76
C LYS A 270 -25.10 29.66 -11.13
N GLY A 271 -24.40 28.62 -10.68
CA GLY A 271 -25.06 27.50 -10.04
C GLY A 271 -25.76 26.55 -11.00
N GLN A 272 -25.39 26.58 -12.28
CA GLN A 272 -25.99 25.69 -13.26
C GLN A 272 -25.14 24.46 -13.51
N ASN A 273 -25.80 23.36 -13.87
CA ASN A 273 -25.12 22.10 -14.14
C ASN A 273 -24.50 22.17 -15.53
N CYS A 274 -23.18 22.25 -15.60
CA CYS A 274 -22.47 22.34 -16.88
C CYS A 274 -22.15 20.98 -17.46
N GLY A 275 -22.08 19.97 -16.61
CA GLY A 275 -21.76 18.64 -17.10
C GLY A 275 -21.04 17.75 -16.10
N TYR A 276 -20.25 16.83 -16.63
CA TYR A 276 -19.55 15.86 -15.80
C TYR A 276 -18.11 15.63 -16.22
N ARG A 277 -17.22 15.54 -15.22
CA ARG A 277 -15.79 15.31 -15.43
C ARG A 277 -15.38 13.88 -15.13
N ARG A 278 -14.53 13.31 -15.99
CA ARG A 278 -14.03 11.96 -15.76
C ARG A 278 -12.52 11.93 -15.93
N CYS A 279 -11.89 13.05 -15.63
CA CYS A 279 -10.44 13.19 -15.74
C CYS A 279 -9.95 14.05 -14.58
N ARG A 280 -8.67 14.41 -14.62
CA ARG A 280 -8.05 15.21 -13.59
C ARG A 280 -8.62 16.62 -13.43
N ALA A 281 -9.00 16.98 -12.21
CA ALA A 281 -9.48 18.33 -11.94
C ALA A 281 -8.20 19.12 -11.66
N SER A 282 -8.12 20.34 -12.18
CA SER A 282 -6.93 21.16 -11.99
C SER A 282 -6.83 21.77 -10.59
N GLY A 283 -7.97 22.03 -9.98
CA GLY A 283 -7.97 22.67 -8.67
C GLY A 283 -8.09 21.82 -7.42
N VAL A 284 -7.40 20.70 -7.37
CA VAL A 284 -7.43 19.88 -6.16
C VAL A 284 -6.00 19.70 -5.66
N LEU A 285 -5.86 19.43 -4.37
CA LEU A 285 -4.57 19.28 -3.73
C LEU A 285 -3.66 18.21 -4.33
N THR A 286 -4.23 17.18 -4.95
CA THR A 286 -3.43 16.11 -5.51
C THR A 286 -3.07 16.25 -6.98
N THR A 287 -3.46 17.36 -7.61
CA THR A 287 -3.19 17.53 -9.03
C THR A 287 -1.72 17.50 -9.40
N SER A 288 -0.91 18.29 -8.70
CA SER A 288 0.51 18.33 -8.98
C SER A 288 1.18 16.98 -8.70
N CYS A 289 0.97 16.46 -7.50
CA CYS A 289 1.55 15.18 -7.09
C CYS A 289 1.07 14.06 -8.00
N GLY A 290 -0.24 14.04 -8.23
CA GLY A 290 -0.83 13.02 -9.06
C GLY A 290 -0.28 13.06 -10.46
N ASN A 291 -0.25 14.23 -11.08
CA ASN A 291 0.28 14.34 -12.44
C ASN A 291 1.74 13.93 -12.50
N THR A 292 2.52 14.34 -11.51
CA THR A 292 3.95 14.01 -11.48
C THR A 292 4.15 12.51 -11.40
N LEU A 293 3.40 11.86 -10.51
CA LEU A 293 3.48 10.42 -10.36
C LEU A 293 3.03 9.69 -11.64
N THR A 294 1.91 10.12 -12.19
CA THR A 294 1.37 9.50 -13.39
C THR A 294 2.27 9.68 -14.62
N CYS A 295 2.85 10.87 -14.75
CA CYS A 295 3.73 11.17 -15.87
C CYS A 295 5.00 10.34 -15.75
N TYR A 296 5.53 10.25 -14.53
CA TYR A 296 6.73 9.49 -14.25
C TYR A 296 6.53 8.00 -14.52
N LEU A 297 5.39 7.49 -14.08
CA LEU A 297 5.05 6.10 -14.26
C LEU A 297 4.97 5.73 -15.75
N LYS A 298 4.22 6.53 -16.51
CA LYS A 298 4.06 6.26 -17.93
C LYS A 298 5.37 6.44 -18.71
N ALA A 299 6.13 7.47 -18.38
CA ALA A 299 7.40 7.72 -19.07
C ALA A 299 8.44 6.65 -18.75
N THR A 300 8.58 6.30 -17.48
CA THR A 300 9.54 5.28 -17.07
C THR A 300 9.23 3.96 -17.79
N ALA A 301 7.95 3.64 -17.88
CA ALA A 301 7.54 2.41 -18.57
C ALA A 301 7.73 2.56 -20.10
N ALA A 302 7.42 3.72 -20.65
CA ALA A 302 7.56 3.95 -22.08
C ALA A 302 9.00 3.79 -22.52
N CYS A 303 9.93 4.29 -21.71
CA CYS A 303 11.35 4.18 -22.02
C CYS A 303 11.80 2.73 -22.14
N ARG A 304 11.28 1.88 -21.26
CA ARG A 304 11.64 0.46 -21.31
C ARG A 304 11.08 -0.15 -22.58
N ALA A 305 9.87 0.26 -22.96
CA ALA A 305 9.25 -0.27 -24.16
C ALA A 305 10.02 0.17 -25.39
N ALA A 306 10.33 1.47 -25.45
CA ALA A 306 11.05 2.04 -26.58
C ALA A 306 12.52 1.63 -26.59
N LYS A 307 12.97 1.03 -25.50
CA LYS A 307 14.36 0.58 -25.37
C LYS A 307 15.36 1.72 -25.40
N LEU A 308 15.01 2.85 -24.80
CA LEU A 308 15.92 3.98 -24.72
C LEU A 308 16.99 3.56 -23.73
N GLN A 309 18.24 3.94 -23.97
CA GLN A 309 19.33 3.54 -23.10
C GLN A 309 19.58 4.50 -21.94
N ASP A 310 19.70 3.94 -20.74
CA ASP A 310 19.95 4.68 -19.50
C ASP A 310 19.20 6.01 -19.39
N CYS A 311 17.89 5.92 -19.17
CA CYS A 311 17.05 7.10 -19.06
C CYS A 311 16.97 7.77 -17.71
N THR A 312 17.00 9.10 -17.74
CA THR A 312 16.89 9.86 -16.51
C THR A 312 15.78 10.87 -16.74
N MET A 313 14.77 10.81 -15.89
CA MET A 313 13.63 11.70 -15.98
C MET A 313 13.75 12.86 -15.00
N LEU A 314 13.10 13.95 -15.33
CA LEU A 314 13.01 15.13 -14.49
C LEU A 314 11.53 15.46 -14.74
N VAL A 315 10.70 15.31 -13.71
CA VAL A 315 9.28 15.52 -13.87
C VAL A 315 8.70 16.56 -12.92
N ASN A 316 7.94 17.50 -13.45
CA ASN A 316 7.29 18.55 -12.68
C ASN A 316 5.85 18.55 -13.14
N GLY A 317 4.99 17.80 -12.45
CA GLY A 317 3.60 17.75 -12.87
C GLY A 317 3.50 17.07 -14.24
N ASP A 318 2.84 17.71 -15.19
CA ASP A 318 2.70 17.11 -16.51
C ASP A 318 3.91 17.39 -17.40
N ASP A 319 4.86 18.16 -16.89
CA ASP A 319 6.05 18.52 -17.63
C ASP A 319 7.16 17.45 -17.49
N LEU A 320 7.71 17.04 -18.61
CA LEU A 320 8.73 15.99 -18.60
C LEU A 320 9.91 16.21 -19.55
N VAL A 321 11.11 15.90 -19.06
CA VAL A 321 12.31 15.97 -19.88
C VAL A 321 13.04 14.68 -19.62
N VAL A 322 13.57 14.07 -20.68
CA VAL A 322 14.27 12.81 -20.53
C VAL A 322 15.67 12.92 -21.11
N ILE A 323 16.66 12.48 -20.35
CA ILE A 323 18.04 12.54 -20.80
C ILE A 323 18.61 11.12 -20.79
N CYS A 324 19.19 10.71 -21.90
CA CYS A 324 19.73 9.37 -22.00
C CYS A 324 20.95 9.20 -22.89
N GLU A 325 21.36 7.95 -23.06
CA GLU A 325 22.50 7.58 -23.88
C GLU A 325 22.06 7.51 -25.34
N SER A 326 22.80 8.18 -26.20
CA SER A 326 22.49 8.16 -27.62
C SER A 326 22.96 6.83 -28.20
N ALA A 327 22.22 6.34 -29.19
CA ALA A 327 22.58 5.08 -29.83
C ALA A 327 22.80 5.37 -31.31
N GLY A 328 22.91 6.66 -31.63
CA GLY A 328 23.08 7.05 -33.01
C GLY A 328 21.91 7.93 -33.40
N THR A 329 22.06 8.71 -34.45
CA THR A 329 21.00 9.61 -34.89
C THR A 329 19.73 8.92 -35.37
N GLN A 330 19.88 7.86 -36.16
CA GLN A 330 18.73 7.13 -36.68
C GLN A 330 18.01 6.37 -35.58
N GLU A 331 18.78 5.61 -34.82
CA GLU A 331 18.25 4.82 -33.72
C GLU A 331 17.53 5.71 -32.70
N ASP A 332 18.13 6.85 -32.38
CA ASP A 332 17.54 7.79 -31.42
C ASP A 332 16.18 8.27 -31.87
N ALA A 333 16.06 8.61 -33.14
CA ALA A 333 14.80 9.12 -33.67
C ALA A 333 13.76 8.01 -33.72
N ALA A 334 14.20 6.79 -33.96
CA ALA A 334 13.29 5.64 -34.02
C ALA A 334 12.81 5.29 -32.60
N ALA A 335 13.75 5.28 -31.66
CA ALA A 335 13.44 4.96 -30.28
C ALA A 335 12.47 6.00 -29.71
N LEU A 336 12.67 7.27 -30.08
CA LEU A 336 11.80 8.34 -29.61
C LEU A 336 10.39 8.09 -30.10
N ARG A 337 10.24 7.80 -31.39
CA ARG A 337 8.91 7.52 -31.95
C ARG A 337 8.28 6.31 -31.24
N ALA A 338 9.09 5.31 -30.90
CA ALA A 338 8.60 4.13 -30.20
C ALA A 338 8.12 4.59 -28.82
N PHE A 339 8.88 5.49 -28.21
CA PHE A 339 8.54 6.04 -26.91
C PHE A 339 7.19 6.72 -26.96
N THR A 340 6.98 7.52 -28.00
CA THR A 340 5.72 8.24 -28.19
C THR A 340 4.53 7.28 -28.32
N GLU A 341 4.74 6.17 -29.04
CA GLU A 341 3.67 5.19 -29.21
C GLU A 341 3.34 4.52 -27.88
N ALA A 342 4.37 4.25 -27.08
CA ALA A 342 4.17 3.63 -25.79
C ALA A 342 3.34 4.58 -24.92
N MET A 343 3.75 5.85 -24.89
CA MET A 343 3.05 6.87 -24.12
C MET A 343 1.61 7.03 -24.60
N THR A 344 1.40 6.87 -25.90
CA THR A 344 0.07 6.99 -26.49
C THR A 344 -0.80 5.85 -25.99
N ARG A 345 -0.24 4.65 -25.94
CA ARG A 345 -1.00 3.52 -25.44
C ARG A 345 -1.34 3.73 -23.97
N TYR A 346 -0.44 4.36 -23.23
CA TYR A 346 -0.70 4.62 -21.80
C TYR A 346 -1.65 5.79 -21.61
N SER A 347 -2.16 6.33 -22.71
CA SER A 347 -3.06 7.46 -22.68
C SER A 347 -2.34 8.76 -22.32
N ALA A 348 -1.29 9.07 -23.08
CA ALA A 348 -0.52 10.28 -22.86
C ALA A 348 0.02 10.67 -24.23
N PRO A 349 -0.88 10.85 -25.21
CA PRO A 349 -0.49 11.22 -26.57
C PRO A 349 0.22 12.57 -26.56
N PRO A 350 1.11 12.79 -27.53
CA PRO A 350 1.87 14.04 -27.62
C PRO A 350 1.10 15.18 -28.26
N GLY A 351 1.46 16.40 -27.88
CA GLY A 351 0.85 17.58 -28.47
C GLY A 351 1.87 17.90 -29.56
N ASP A 352 2.98 18.47 -29.14
CA ASP A 352 4.05 18.77 -30.07
C ASP A 352 4.83 17.46 -30.14
N PRO A 353 5.07 16.94 -31.35
CA PRO A 353 5.81 15.68 -31.41
C PRO A 353 7.21 15.91 -30.85
N PRO A 354 7.72 14.95 -30.08
CA PRO A 354 9.07 15.14 -29.51
C PRO A 354 10.16 15.07 -30.57
N GLN A 355 11.31 15.64 -30.26
CA GLN A 355 12.45 15.65 -31.17
C GLN A 355 13.73 15.51 -30.36
N PRO A 356 14.63 14.63 -30.79
CA PRO A 356 15.88 14.47 -30.03
C PRO A 356 16.77 15.71 -30.14
N GLU A 357 17.35 16.10 -29.00
CA GLU A 357 18.24 17.25 -28.92
C GLU A 357 19.61 16.77 -28.48
N TYR A 358 20.66 17.36 -29.03
CA TYR A 358 22.00 16.95 -28.66
C TYR A 358 22.73 18.11 -28.01
N ASP A 359 21.99 19.20 -27.80
CA ASP A 359 22.50 20.39 -27.17
C ASP A 359 21.57 20.70 -25.99
N LEU A 360 22.08 20.57 -24.76
CA LEU A 360 21.28 20.82 -23.57
C LEU A 360 20.54 22.16 -23.63
N GLU A 361 21.24 23.23 -24.03
CA GLU A 361 20.63 24.56 -24.11
C GLU A 361 19.38 24.60 -24.97
N LEU A 362 19.20 23.63 -25.86
CA LEU A 362 18.04 23.64 -26.74
C LEU A 362 16.86 22.84 -26.21
N ILE A 363 17.00 22.29 -25.01
CA ILE A 363 15.92 21.52 -24.42
C ILE A 363 15.10 22.40 -23.48
N THR A 364 13.83 22.58 -23.79
CA THR A 364 12.95 23.39 -22.97
C THR A 364 12.05 22.51 -22.12
N SER A 365 12.08 22.72 -20.81
CA SER A 365 11.25 21.97 -19.87
C SER A 365 10.80 22.97 -18.82
N CYS A 366 9.54 22.89 -18.43
CA CYS A 366 8.98 23.84 -17.48
C CYS A 366 9.15 25.24 -18.06
N SER A 367 8.98 25.31 -19.37
CA SER A 367 9.09 26.55 -20.12
C SER A 367 10.45 27.22 -19.95
N SER A 368 11.46 26.44 -19.58
CA SER A 368 12.79 27.00 -19.41
C SER A 368 13.89 26.10 -19.95
N ASN A 369 15.11 26.63 -19.97
CA ASN A 369 16.26 25.89 -20.47
C ASN A 369 17.50 26.31 -19.73
N VAL A 370 18.53 25.47 -19.78
CA VAL A 370 19.81 25.76 -19.16
C VAL A 370 20.65 26.57 -20.16
N SER A 371 21.35 27.59 -19.67
CA SER A 371 22.20 28.41 -20.54
C SER A 371 23.46 28.77 -19.74
N VAL A 372 24.44 29.38 -20.41
CA VAL A 372 25.69 29.73 -19.73
C VAL A 372 26.11 31.19 -19.92
N ALA A 373 26.78 31.72 -18.91
CA ALA A 373 27.28 33.10 -18.92
C ALA A 373 28.58 33.09 -18.12
N HIS A 374 29.09 34.27 -17.75
CA HIS A 374 30.33 34.33 -17.00
C HIS A 374 30.28 35.31 -15.84
N ASP A 375 30.94 34.95 -14.74
CA ASP A 375 30.99 35.83 -13.57
C ASP A 375 32.12 36.86 -13.72
N ALA A 376 32.31 37.66 -12.68
CA ALA A 376 33.34 38.70 -12.67
C ALA A 376 34.72 38.19 -13.06
N SER A 377 35.10 37.02 -12.57
CA SER A 377 36.40 36.45 -12.88
C SER A 377 36.45 35.75 -14.24
N GLY A 378 35.33 35.78 -14.97
CA GLY A 378 35.29 35.15 -16.27
C GLY A 378 35.04 33.66 -16.28
N LYS A 379 34.64 33.11 -15.13
CA LYS A 379 34.36 31.68 -15.05
C LYS A 379 32.94 31.41 -15.54
N ARG A 380 32.78 30.33 -16.30
CA ARG A 380 31.47 29.98 -16.83
C ARG A 380 30.51 29.60 -15.73
N VAL A 381 29.28 30.08 -15.85
CA VAL A 381 28.26 29.79 -14.86
C VAL A 381 27.00 29.35 -15.58
N TYR A 382 26.39 28.28 -15.08
CA TYR A 382 25.15 27.76 -15.65
C TYR A 382 23.98 28.34 -14.89
N TYR A 383 22.94 28.72 -15.60
CA TYR A 383 21.76 29.29 -14.96
C TYR A 383 20.52 28.94 -15.77
N LEU A 384 19.36 29.09 -15.16
CA LEU A 384 18.11 28.79 -15.80
C LEU A 384 17.50 30.08 -16.35
N THR A 385 17.05 30.01 -17.59
CA THR A 385 16.45 31.15 -18.25
C THR A 385 15.24 30.62 -19.01
N ARG A 386 14.55 31.51 -19.72
CA ARG A 386 13.38 31.16 -20.51
C ARG A 386 13.09 32.32 -21.44
N ASP A 387 12.18 32.11 -22.37
CA ASP A 387 11.81 33.17 -23.29
C ASP A 387 11.09 34.18 -22.40
N PRO A 388 11.48 35.46 -22.47
CA PRO A 388 10.86 36.49 -21.64
C PRO A 388 9.52 37.06 -22.10
N THR A 389 9.02 36.62 -23.25
CA THR A 389 7.76 37.14 -23.76
C THR A 389 6.63 37.15 -22.74
N THR A 390 6.23 35.98 -22.26
CA THR A 390 5.14 35.92 -21.29
C THR A 390 5.47 36.70 -20.02
N PRO A 391 6.66 36.50 -19.45
CA PRO A 391 7.00 37.25 -18.24
C PRO A 391 6.84 38.77 -18.43
N LEU A 392 7.32 39.29 -19.56
CA LEU A 392 7.22 40.72 -19.81
C LEU A 392 5.77 41.21 -20.01
N ALA A 393 4.99 40.43 -20.76
CA ALA A 393 3.60 40.79 -20.99
C ALA A 393 2.86 40.84 -19.67
N ARG A 394 3.11 39.86 -18.81
CA ARG A 394 2.45 39.81 -17.51
C ARG A 394 2.94 40.93 -16.61
N ALA A 395 4.22 41.29 -16.75
CA ALA A 395 4.78 42.36 -15.95
C ALA A 395 4.12 43.67 -16.38
N ALA A 396 3.85 43.78 -17.68
CA ALA A 396 3.21 44.97 -18.23
C ALA A 396 1.80 45.07 -17.66
N TRP A 397 1.11 43.93 -17.62
CA TRP A 397 -0.26 43.86 -17.10
C TRP A 397 -0.31 44.16 -15.60
N GLU A 398 0.61 43.59 -14.85
CA GLU A 398 0.61 43.79 -13.41
C GLU A 398 1.05 45.20 -13.04
N THR A 399 1.53 45.95 -14.02
CA THR A 399 1.93 47.34 -13.81
C THR A 399 0.73 48.24 -14.05
N ALA A 400 -0.14 47.83 -14.98
CA ALA A 400 -1.33 48.61 -15.31
C ALA A 400 -2.46 48.41 -14.31
N ARG A 401 -2.37 47.38 -13.48
CA ARG A 401 -3.41 47.12 -12.48
C ARG A 401 -3.05 46.15 -11.36
N HIS A 402 -3.67 46.33 -10.21
CA HIS A 402 -3.43 45.48 -9.05
C HIS A 402 -3.80 44.01 -9.31
N THR A 403 -2.95 43.11 -8.83
CA THR A 403 -3.18 41.68 -8.99
C THR A 403 -2.82 40.97 -7.68
N PRO A 404 -3.65 40.00 -7.27
CA PRO A 404 -3.43 39.25 -6.03
C PRO A 404 -2.00 38.69 -5.99
N ILE A 405 -1.58 38.10 -7.10
CA ILE A 405 -0.24 37.52 -7.20
C ILE A 405 0.62 38.33 -8.17
N ASN A 406 1.85 38.62 -7.75
CA ASN A 406 2.78 39.39 -8.56
C ASN A 406 3.76 38.46 -9.25
N SER A 407 3.45 38.08 -10.47
CA SER A 407 4.31 37.17 -11.20
C SER A 407 5.69 37.77 -11.46
N TRP A 408 5.76 39.09 -11.58
CA TRP A 408 7.04 39.74 -11.84
C TRP A 408 8.04 39.53 -10.70
N LEU A 409 7.54 39.53 -9.47
CA LEU A 409 8.40 39.32 -8.31
C LEU A 409 8.87 37.87 -8.32
N GLY A 410 7.95 36.97 -8.65
CA GLY A 410 8.30 35.57 -8.70
C GLY A 410 9.32 35.33 -9.79
N ASN A 411 9.18 36.02 -10.92
CA ASN A 411 10.13 35.86 -12.02
C ASN A 411 11.47 36.50 -11.71
N ILE A 412 11.47 37.54 -10.88
CA ILE A 412 12.73 38.16 -10.52
C ILE A 412 13.54 37.23 -9.64
N ILE A 413 12.84 36.50 -8.77
CA ILE A 413 13.49 35.56 -7.85
C ILE A 413 13.98 34.31 -8.57
N MET A 414 13.13 33.72 -9.39
CA MET A 414 13.49 32.51 -10.10
C MET A 414 14.49 32.73 -11.24
N TYR A 415 14.43 33.90 -11.86
CA TYR A 415 15.32 34.20 -12.98
C TYR A 415 16.24 35.39 -12.72
N ALA A 416 16.67 35.55 -11.48
CA ALA A 416 17.56 36.66 -11.10
C ALA A 416 18.85 36.80 -11.91
N PRO A 417 19.46 35.67 -12.32
CA PRO A 417 20.70 35.69 -13.10
C PRO A 417 20.54 36.07 -14.57
N THR A 418 19.33 35.99 -15.09
CA THR A 418 19.10 36.27 -16.50
C THR A 418 19.34 37.71 -16.93
N LEU A 419 19.74 37.83 -18.19
CA LEU A 419 20.00 39.11 -18.82
C LEU A 419 18.74 39.96 -18.82
N TRP A 420 17.60 39.35 -19.13
CA TRP A 420 16.34 40.10 -19.18
C TRP A 420 15.71 40.48 -17.84
N ALA A 421 15.80 39.61 -16.84
CA ALA A 421 15.21 39.94 -15.54
C ALA A 421 15.96 41.08 -14.87
N ARG A 422 17.28 41.08 -15.03
CA ARG A 422 18.12 42.10 -14.43
C ARG A 422 18.01 43.45 -15.13
N MET A 423 18.12 43.42 -16.45
CA MET A 423 18.06 44.63 -17.25
C MET A 423 16.72 45.33 -17.18
N ILE A 424 15.66 44.52 -17.26
CA ILE A 424 14.30 45.02 -17.32
C ILE A 424 13.43 44.95 -16.06
N LEU A 425 13.08 43.74 -15.62
CA LEU A 425 12.19 43.63 -14.46
C LEU A 425 12.69 44.36 -13.22
N MET A 426 13.94 44.13 -12.83
CA MET A 426 14.48 44.80 -11.66
C MET A 426 14.44 46.32 -11.81
N THR A 427 14.96 46.81 -12.94
CA THR A 427 14.99 48.24 -13.19
C THR A 427 13.60 48.85 -13.18
N HIS A 428 12.69 48.26 -13.94
CA HIS A 428 11.32 48.74 -14.02
C HIS A 428 10.57 48.76 -12.70
N PHE A 429 10.54 47.63 -12.00
CA PHE A 429 9.79 47.57 -10.74
C PHE A 429 10.41 48.30 -9.55
N PHE A 430 11.74 48.35 -9.47
CA PHE A 430 12.33 49.09 -8.37
C PHE A 430 12.10 50.57 -8.61
N SER A 431 12.11 50.97 -9.88
CA SER A 431 11.88 52.35 -10.24
C SER A 431 10.47 52.77 -9.83
N ILE A 432 9.50 51.90 -10.08
CA ILE A 432 8.10 52.19 -9.72
C ILE A 432 7.90 52.19 -8.21
N LEU A 433 8.50 51.23 -7.52
CA LEU A 433 8.37 51.14 -6.07
C LEU A 433 8.92 52.38 -5.39
N LEU A 434 10.03 52.92 -5.90
CA LEU A 434 10.61 54.13 -5.33
C LEU A 434 9.63 55.28 -5.47
N ALA A 435 9.14 55.48 -6.69
CA ALA A 435 8.21 56.56 -6.98
C ALA A 435 6.99 56.53 -6.07
N GLN A 436 6.47 55.34 -5.79
CA GLN A 436 5.30 55.21 -4.95
C GLN A 436 5.67 55.06 -3.48
N GLU A 437 6.96 54.97 -3.21
CA GLU A 437 7.45 54.83 -1.84
C GLU A 437 6.88 53.56 -1.21
N GLN A 438 6.97 52.44 -1.92
CA GLN A 438 6.46 51.17 -1.42
C GLN A 438 7.52 50.09 -1.42
N LEU A 439 8.78 50.49 -1.29
CA LEU A 439 9.88 49.54 -1.28
C LEU A 439 9.82 48.57 -0.13
N GLU A 440 9.14 48.96 0.95
CA GLU A 440 9.06 48.12 2.15
C GLU A 440 7.81 47.25 2.25
N LYS A 441 6.81 47.55 1.44
CA LYS A 441 5.56 46.79 1.47
C LYS A 441 5.80 45.38 0.93
N ALA A 442 5.26 44.39 1.64
CA ALA A 442 5.39 42.99 1.23
C ALA A 442 4.39 42.67 0.13
N LEU A 443 4.83 41.90 -0.85
CA LEU A 443 3.96 41.52 -1.96
C LEU A 443 3.87 40.00 -2.07
N ASP A 444 2.73 39.52 -2.56
CA ASP A 444 2.54 38.09 -2.72
C ASP A 444 2.99 37.63 -4.10
N CYS A 445 3.52 36.42 -4.18
CA CYS A 445 3.96 35.82 -5.44
C CYS A 445 3.91 34.31 -5.28
N GLN A 446 4.09 33.58 -6.37
CA GLN A 446 4.04 32.14 -6.29
C GLN A 446 5.31 31.43 -6.75
N ILE A 447 5.64 30.36 -6.04
CA ILE A 447 6.78 29.54 -6.37
C ILE A 447 6.29 28.09 -6.31
N TYR A 448 6.29 27.45 -7.47
CA TYR A 448 5.83 26.08 -7.61
C TYR A 448 4.39 25.96 -7.15
N GLY A 449 3.59 26.97 -7.48
CA GLY A 449 2.18 26.96 -7.12
C GLY A 449 1.85 27.50 -5.74
N ALA A 450 2.80 27.39 -4.80
CA ALA A 450 2.56 27.88 -3.44
C ALA A 450 2.75 29.39 -3.35
N CYS A 451 1.92 30.02 -2.53
CA CYS A 451 1.96 31.47 -2.37
C CYS A 451 2.86 31.88 -1.21
N TYR A 452 3.65 32.92 -1.43
CA TYR A 452 4.58 33.44 -0.42
C TYR A 452 4.47 34.96 -0.34
N SER A 453 4.83 35.51 0.82
CA SER A 453 4.83 36.96 1.00
C SER A 453 6.29 37.39 1.02
N ILE A 454 6.69 38.21 0.05
CA ILE A 454 8.08 38.65 -0.03
C ILE A 454 8.22 40.15 0.04
N GLU A 455 9.25 40.60 0.75
CA GLU A 455 9.53 42.02 0.89
C GLU A 455 10.58 42.32 -0.18
N PRO A 456 10.27 43.24 -1.09
CA PRO A 456 11.19 43.63 -2.17
C PRO A 456 12.62 43.91 -1.72
N LEU A 457 12.77 44.61 -0.59
CA LEU A 457 14.08 44.95 -0.08
C LEU A 457 14.93 43.76 0.35
N ASP A 458 14.30 42.58 0.46
CA ASP A 458 15.05 41.38 0.84
C ASP A 458 15.54 40.61 -0.38
N LEU A 459 15.29 41.15 -1.58
CA LEU A 459 15.70 40.49 -2.81
C LEU A 459 17.20 40.18 -2.91
N PRO A 460 18.06 41.11 -2.48
CA PRO A 460 19.50 40.83 -2.55
C PRO A 460 19.86 39.54 -1.82
N GLN A 461 19.39 39.42 -0.58
CA GLN A 461 19.67 38.24 0.24
C GLN A 461 19.13 36.98 -0.43
N ILE A 462 17.86 37.05 -0.83
CA ILE A 462 17.20 35.93 -1.48
C ILE A 462 18.00 35.43 -2.67
N ILE A 463 18.33 36.33 -3.58
CA ILE A 463 19.08 36.01 -4.77
C ILE A 463 20.46 35.43 -4.46
N GLU A 464 21.14 35.98 -3.45
CA GLU A 464 22.45 35.45 -3.13
C GLU A 464 22.30 34.01 -2.66
N ARG A 465 21.33 33.78 -1.80
CA ARG A 465 21.10 32.45 -1.26
C ARG A 465 20.69 31.43 -2.31
N LEU A 466 19.79 31.80 -3.21
CA LEU A 466 19.32 30.89 -4.23
C LEU A 466 20.23 30.73 -5.43
N HIS A 467 20.87 31.83 -5.83
CA HIS A 467 21.71 31.80 -7.02
C HIS A 467 23.20 32.00 -6.83
N GLY A 468 23.61 32.57 -5.70
CA GLY A 468 25.01 32.85 -5.47
C GLY A 468 25.32 34.29 -5.85
N LEU A 469 26.50 34.77 -5.48
CA LEU A 469 26.88 36.14 -5.80
C LEU A 469 27.05 36.36 -7.31
N SER A 470 27.33 35.29 -8.03
CA SER A 470 27.52 35.41 -9.47
C SER A 470 26.30 35.96 -10.19
N ALA A 471 25.15 35.94 -9.52
CA ALA A 471 23.92 36.45 -10.12
C ALA A 471 23.96 37.95 -10.31
N PHE A 472 24.85 38.61 -9.58
CA PHE A 472 24.98 40.05 -9.65
C PHE A 472 26.14 40.46 -10.54
N THR A 473 26.83 39.48 -11.10
CA THR A 473 27.98 39.79 -11.95
C THR A 473 27.99 39.14 -13.32
N LEU A 474 27.01 38.29 -13.60
CA LEU A 474 27.02 37.62 -14.91
C LEU A 474 27.06 38.56 -16.10
N HIS A 475 27.79 38.16 -17.12
CA HIS A 475 27.93 38.93 -18.36
C HIS A 475 28.40 37.99 -19.44
N SER A 476 28.46 38.47 -20.68
CA SER A 476 28.86 37.62 -21.80
C SER A 476 27.91 36.44 -21.92
N TYR A 477 26.63 36.74 -22.12
CA TYR A 477 25.65 35.68 -22.26
C TYR A 477 25.84 35.00 -23.61
N SER A 478 25.21 33.86 -23.81
CA SER A 478 25.36 33.13 -25.06
C SER A 478 24.69 33.82 -26.24
N PRO A 479 25.20 33.54 -27.45
CA PRO A 479 24.66 34.11 -28.68
C PRO A 479 23.16 33.83 -28.79
N GLY A 480 22.78 32.58 -28.54
CA GLY A 480 21.38 32.18 -28.61
C GLY A 480 20.51 32.91 -27.61
N GLU A 481 20.97 33.03 -26.37
CA GLU A 481 20.19 33.72 -25.36
C GLU A 481 20.05 35.19 -25.72
N ILE A 482 21.14 35.82 -26.16
CA ILE A 482 21.11 37.23 -26.53
C ILE A 482 20.16 37.44 -27.70
N ASN A 483 20.24 36.56 -28.69
CA ASN A 483 19.35 36.68 -29.83
C ASN A 483 17.88 36.64 -29.39
N ARG A 484 17.51 35.62 -28.60
CA ARG A 484 16.14 35.48 -28.15
C ARG A 484 15.63 36.71 -27.37
N VAL A 485 16.47 37.24 -26.47
CA VAL A 485 16.03 38.40 -25.70
C VAL A 485 15.82 39.61 -26.60
N ALA A 486 16.79 39.87 -27.47
CA ALA A 486 16.71 41.01 -28.39
C ALA A 486 15.47 40.94 -29.26
N SER A 487 15.20 39.77 -29.83
CA SER A 487 14.03 39.58 -30.69
C SER A 487 12.77 39.85 -29.90
N CYS A 488 12.74 39.38 -28.66
CA CYS A 488 11.58 39.58 -27.82
C CYS A 488 11.34 41.06 -27.58
N LEU A 489 12.40 41.78 -27.20
CA LEU A 489 12.26 43.21 -26.93
C LEU A 489 11.80 43.98 -28.17
N ARG A 490 12.31 43.60 -29.34
CA ARG A 490 11.91 44.27 -30.57
C ARG A 490 10.45 44.01 -30.86
N LYS A 491 10.06 42.75 -30.69
CA LYS A 491 8.68 42.33 -30.91
C LYS A 491 7.67 43.05 -30.01
N LEU A 492 7.96 43.11 -28.71
CA LEU A 492 7.06 43.74 -27.75
C LEU A 492 7.15 45.26 -27.63
N GLY A 493 8.10 45.87 -28.33
CA GLY A 493 8.24 47.31 -28.26
C GLY A 493 8.85 47.74 -26.93
N VAL A 494 9.79 46.94 -26.42
CA VAL A 494 10.45 47.26 -25.17
C VAL A 494 11.70 48.09 -25.45
N PRO A 495 11.91 49.16 -24.69
CA PRO A 495 13.08 50.04 -24.86
C PRO A 495 14.37 49.23 -24.91
N PRO A 496 15.37 49.72 -25.66
CA PRO A 496 16.67 49.04 -25.80
C PRO A 496 17.54 49.13 -24.54
N LEU A 497 18.56 48.27 -24.48
CA LEU A 497 19.46 48.25 -23.33
C LEU A 497 19.92 49.64 -22.87
N ARG A 498 20.35 50.49 -23.80
CA ARG A 498 20.82 51.82 -23.43
C ARG A 498 19.82 52.58 -22.55
N THR A 499 18.53 52.49 -22.86
CA THR A 499 17.52 53.17 -22.06
C THR A 499 17.41 52.56 -20.67
N TRP A 500 17.51 51.23 -20.59
CA TRP A 500 17.43 50.56 -19.31
C TRP A 500 18.66 50.83 -18.43
N ARG A 501 19.82 50.97 -19.05
CA ARG A 501 21.03 51.25 -18.28
C ARG A 501 20.88 52.62 -17.63
N HIS A 502 20.39 53.58 -18.42
CA HIS A 502 20.16 54.93 -17.93
C HIS A 502 19.17 54.93 -16.77
N ARG A 503 18.05 54.24 -16.95
CA ARG A 503 17.05 54.17 -15.91
C ARG A 503 17.63 53.47 -14.69
N ALA A 504 18.44 52.45 -14.93
CA ALA A 504 19.05 51.69 -13.84
C ALA A 504 20.03 52.53 -13.02
N ARG A 505 20.86 53.31 -13.71
CA ARG A 505 21.82 54.16 -13.01
C ARG A 505 21.09 55.10 -12.08
N SER A 506 19.98 55.63 -12.55
CA SER A 506 19.18 56.56 -11.77
C SER A 506 18.50 55.86 -10.61
N VAL A 507 17.98 54.66 -10.83
CA VAL A 507 17.32 53.92 -9.78
C VAL A 507 18.38 53.61 -8.72
N ARG A 508 19.53 53.16 -9.20
CA ARG A 508 20.65 52.80 -8.33
C ARG A 508 21.07 53.95 -7.42
N ALA A 509 21.24 55.13 -7.99
CA ALA A 509 21.64 56.30 -7.22
C ALA A 509 20.62 56.60 -6.13
N LYS A 510 19.35 56.66 -6.50
CA LYS A 510 18.32 56.95 -5.52
C LYS A 510 18.34 55.90 -4.41
N LEU A 511 18.52 54.64 -4.78
CA LEU A 511 18.55 53.58 -3.80
C LEU A 511 19.71 53.73 -2.82
N LEU A 512 20.88 54.09 -3.31
CA LEU A 512 22.04 54.25 -2.43
C LEU A 512 21.82 55.36 -1.41
N SER A 513 21.37 56.53 -1.88
CA SER A 513 21.15 57.67 -1.01
C SER A 513 20.17 57.37 0.14
N GLN A 514 19.35 56.34 -0.03
CA GLN A 514 18.40 55.96 1.01
C GLN A 514 19.02 55.12 2.12
N GLY A 515 20.18 54.54 1.83
CA GLY A 515 20.86 53.71 2.82
C GLY A 515 20.02 52.50 3.20
N GLY A 516 20.45 51.79 4.23
CA GLY A 516 19.71 50.62 4.67
C GLY A 516 19.70 49.51 3.63
N ARG A 517 18.59 48.77 3.58
CA ARG A 517 18.47 47.67 2.64
C ARG A 517 18.33 48.17 1.20
N ALA A 518 17.80 49.38 1.04
CA ALA A 518 17.64 49.96 -0.28
C ALA A 518 19.00 50.13 -0.92
N ALA A 519 19.97 50.59 -0.12
CA ALA A 519 21.32 50.79 -0.62
C ALA A 519 21.93 49.45 -1.00
N THR A 520 21.53 48.39 -0.32
CA THR A 520 22.05 47.06 -0.63
C THR A 520 21.48 46.65 -1.99
N CYS A 521 20.20 46.98 -2.20
CA CYS A 521 19.56 46.66 -3.47
C CYS A 521 20.29 47.40 -4.57
N GLY A 522 20.62 48.66 -4.29
CA GLY A 522 21.33 49.47 -5.26
C GLY A 522 22.67 48.89 -5.66
N ARG A 523 23.49 48.53 -4.69
CA ARG A 523 24.83 47.98 -4.95
C ARG A 523 24.86 46.65 -5.72
N TYR A 524 24.06 45.69 -5.26
CA TYR A 524 24.04 44.38 -5.88
C TYR A 524 23.19 44.22 -7.12
N LEU A 525 21.92 44.61 -7.03
CA LEU A 525 21.02 44.46 -8.17
C LEU A 525 21.42 45.28 -9.38
N PHE A 526 22.02 46.44 -9.14
CA PHE A 526 22.38 47.31 -10.26
C PHE A 526 23.86 47.55 -10.53
N ASN A 527 24.70 46.64 -10.02
CA ASN A 527 26.12 46.77 -10.25
C ASN A 527 26.45 46.71 -11.75
N TRP A 528 25.58 46.06 -12.52
CA TRP A 528 25.80 45.94 -13.96
C TRP A 528 25.67 47.25 -14.71
N ALA A 529 24.92 48.20 -14.15
CA ALA A 529 24.69 49.47 -14.82
C ALA A 529 25.83 50.49 -14.75
N VAL A 530 26.65 50.42 -13.70
CA VAL A 530 27.75 51.35 -13.53
C VAL A 530 29.09 50.86 -14.08
N ARG A 531 29.92 51.82 -14.47
CA ARG A 531 31.25 51.54 -15.01
C ARG A 531 32.19 51.15 -13.87
N THR A 532 32.26 52.00 -12.85
CA THR A 532 33.12 51.75 -11.70
C THR A 532 32.40 50.79 -10.76
N LYS A 533 32.67 49.50 -10.95
CA LYS A 533 32.07 48.45 -10.16
C LYS A 533 32.38 48.57 -8.68
N LEU A 534 31.60 47.86 -7.87
CA LEU A 534 31.80 47.83 -6.43
C LEU A 534 32.07 46.37 -6.11
N LYS A 535 32.94 46.11 -5.14
CA LYS A 535 33.25 44.73 -4.76
C LYS A 535 32.05 44.15 -4.03
N LEU A 536 31.49 43.09 -4.59
CA LEU A 536 30.33 42.46 -3.97
C LEU A 536 30.74 41.29 -3.09
N THR A 537 30.60 41.48 -1.79
CA THR A 537 30.94 40.46 -0.82
C THR A 537 29.66 39.86 -0.25
N PRO A 538 29.74 38.66 0.34
CA PRO A 538 28.58 37.99 0.92
C PRO A 538 27.78 38.86 1.88
N ILE A 539 26.46 38.88 1.68
CA ILE A 539 25.54 39.65 2.51
C ILE A 539 25.18 38.83 3.75
N PRO A 540 25.41 39.39 4.94
CA PRO A 540 25.13 38.78 6.24
C PRO A 540 23.79 38.04 6.35
N ALA A 541 22.71 38.73 5.99
CA ALA A 541 21.37 38.14 6.07
C ALA A 541 21.17 36.93 5.15
N ALA A 542 22.06 36.77 4.19
CA ALA A 542 21.96 35.64 3.25
C ALA A 542 22.54 34.36 3.84
N SER A 543 23.01 34.43 5.08
CA SER A 543 23.58 33.27 5.76
C SER A 543 22.61 32.75 6.82
N GLN A 544 21.46 33.39 6.92
CA GLN A 544 20.46 33.02 7.90
C GLN A 544 19.11 32.72 7.25
N LEU A 545 19.04 32.84 5.93
CA LEU A 545 17.79 32.60 5.20
C LEU A 545 17.23 31.19 5.28
N ASP A 546 16.00 31.10 5.78
CA ASP A 546 15.29 29.83 5.90
C ASP A 546 14.49 29.62 4.63
N LEU A 547 15.17 29.24 3.55
CA LEU A 547 14.50 29.05 2.27
C LEU A 547 14.38 27.58 1.83
N SER A 548 14.55 26.66 2.77
CA SER A 548 14.45 25.23 2.45
C SER A 548 13.03 24.85 2.01
N GLY A 549 12.04 25.36 2.74
CA GLY A 549 10.64 25.06 2.42
C GLY A 549 10.12 25.57 1.09
N TRP A 550 10.91 26.41 0.43
CA TRP A 550 10.52 26.98 -0.87
C TRP A 550 10.52 25.95 -1.98
N PHE A 551 11.41 24.96 -1.89
CA PHE A 551 11.54 23.95 -2.92
C PHE A 551 11.44 22.53 -2.39
N VAL A 552 10.23 22.16 -1.98
CA VAL A 552 9.97 20.83 -1.45
C VAL A 552 9.04 20.08 -2.39
N ALA A 553 7.94 20.72 -2.78
CA ALA A 553 6.96 20.07 -3.66
C ALA A 553 6.13 21.03 -4.51
N GLY A 554 5.40 20.45 -5.46
CA GLY A 554 4.55 21.24 -6.34
C GLY A 554 3.17 21.37 -5.73
N TYR A 555 2.52 22.52 -5.92
CA TYR A 555 1.20 22.75 -5.36
C TYR A 555 0.26 23.50 -6.31
N SER A 556 0.69 23.73 -7.54
CA SER A 556 -0.16 24.45 -8.47
C SER A 556 -1.56 23.85 -8.48
N GLY A 557 -2.55 24.71 -8.25
CA GLY A 557 -3.94 24.29 -8.22
C GLY A 557 -4.32 23.74 -6.86
N GLY A 558 -3.32 23.65 -5.97
CA GLY A 558 -3.55 23.12 -4.63
C GLY A 558 -4.09 24.08 -3.58
N ASP A 559 -4.20 25.37 -3.91
CA ASP A 559 -4.72 26.33 -2.94
C ASP A 559 -3.82 26.34 -1.69
N ILE A 560 -2.50 26.46 -1.90
CA ILE A 560 -1.55 26.44 -0.79
C ILE A 560 -0.87 27.78 -0.51
N TYR A 561 -0.80 28.12 0.78
CA TYR A 561 -0.19 29.38 1.23
C TYR A 561 0.83 29.10 2.34
N HIS A 562 2.05 29.58 2.16
CA HIS A 562 3.10 29.38 3.16
C HIS A 562 3.47 30.70 3.84
N SER A 563 3.18 30.80 5.13
CA SER A 563 3.46 32.00 5.91
C SER A 563 4.69 31.75 6.79
N SER B 1 -5.42 -1.86 25.99
CA SER B 1 -6.84 -2.02 26.45
C SER B 1 -7.13 -3.47 26.86
N MET B 2 -8.30 -3.68 27.46
CA MET B 2 -8.71 -5.01 27.89
C MET B 2 -9.12 -5.85 26.68
N SER B 3 -8.52 -7.01 26.53
CA SER B 3 -8.84 -7.89 25.41
C SER B 3 -10.34 -8.21 25.38
N TYR B 4 -10.97 -8.26 26.55
CA TYR B 4 -12.39 -8.55 26.63
C TYR B 4 -13.05 -7.86 27.81
N THR B 5 -14.35 -7.64 27.68
CA THR B 5 -15.18 -7.06 28.71
C THR B 5 -16.42 -7.96 28.76
N TRP B 6 -16.72 -8.54 29.93
CA TRP B 6 -17.87 -9.43 30.03
C TRP B 6 -19.02 -8.79 30.77
N THR B 7 -20.24 -9.04 30.28
CA THR B 7 -21.44 -8.48 30.90
C THR B 7 -22.01 -9.41 31.98
N GLY B 8 -21.66 -10.69 31.90
CA GLY B 8 -22.17 -11.64 32.86
C GLY B 8 -23.00 -12.72 32.16
N ALA B 9 -23.60 -12.37 31.02
CA ALA B 9 -24.39 -13.34 30.27
C ALA B 9 -23.46 -14.51 29.97
N LEU B 10 -24.00 -15.72 30.01
CA LEU B 10 -23.20 -16.91 29.78
C LEU B 10 -22.93 -17.30 28.33
N ILE B 11 -21.86 -18.05 28.13
CA ILE B 11 -21.52 -18.57 26.82
C ILE B 11 -22.31 -19.87 26.76
N THR B 12 -23.47 -19.79 26.14
CA THR B 12 -24.41 -20.90 26.04
C THR B 12 -24.27 -21.75 24.78
N PRO B 13 -24.40 -23.09 24.93
CA PRO B 13 -24.30 -24.01 23.79
C PRO B 13 -25.57 -23.93 22.95
N CYS B 14 -25.50 -24.32 21.68
CA CYS B 14 -26.68 -24.27 20.82
C CYS B 14 -27.51 -25.57 20.86
N ALA B 15 -26.88 -26.65 21.32
CA ALA B 15 -27.56 -27.94 21.42
C ALA B 15 -26.98 -28.73 22.59
N ALA B 16 -27.23 -30.04 22.62
CA ALA B 16 -26.73 -30.89 23.69
C ALA B 16 -25.22 -31.09 23.48
N GLU B 17 -24.47 -31.11 24.59
CA GLU B 17 -23.03 -31.28 24.51
C GLU B 17 -22.54 -32.58 25.15
N GLU B 18 -21.76 -33.33 24.40
CA GLU B 18 -21.20 -34.59 24.89
C GLU B 18 -19.80 -34.29 25.44
N SER B 19 -19.52 -34.77 26.65
CA SER B 19 -18.21 -34.55 27.26
C SER B 19 -17.42 -35.83 27.49
N LYS B 20 -18.10 -36.97 27.38
CA LYS B 20 -17.47 -38.27 27.58
C LYS B 20 -17.92 -39.23 26.48
N LEU B 21 -17.27 -40.38 26.39
CA LEU B 21 -17.63 -41.40 25.40
C LEU B 21 -18.95 -42.03 25.83
N PRO B 22 -19.75 -42.51 24.86
CA PRO B 22 -21.03 -43.15 25.15
C PRO B 22 -20.91 -44.44 25.96
N ILE B 23 -21.99 -44.79 26.68
CA ILE B 23 -22.01 -46.00 27.50
C ILE B 23 -21.79 -47.21 26.59
N ASN B 24 -20.92 -48.13 27.02
CA ASN B 24 -20.59 -49.32 26.23
C ASN B 24 -20.04 -48.86 24.88
N PRO B 25 -18.85 -48.24 24.92
CA PRO B 25 -18.14 -47.72 23.74
C PRO B 25 -17.89 -48.75 22.64
N LEU B 26 -17.89 -48.27 21.40
CA LEU B 26 -17.64 -49.12 20.25
C LEU B 26 -16.14 -49.02 19.97
N SER B 27 -15.53 -47.99 20.55
CA SER B 27 -14.10 -47.72 20.41
C SER B 27 -13.30 -48.53 21.43
N ASN B 28 -13.93 -49.57 21.97
CA ASN B 28 -13.29 -50.43 22.96
C ASN B 28 -12.19 -51.25 22.29
N SER B 29 -12.27 -51.38 20.97
CA SER B 29 -11.29 -52.13 20.20
C SER B 29 -10.07 -51.26 19.92
N LEU B 30 -10.27 -49.95 20.00
CA LEU B 30 -9.20 -48.99 19.77
C LEU B 30 -8.45 -48.72 21.07
N LEU B 31 -9.17 -48.24 22.08
CA LEU B 31 -8.56 -47.97 23.39
C LEU B 31 -9.48 -48.45 24.51
N ARG B 32 -8.86 -49.01 25.55
CA ARG B 32 -9.59 -49.57 26.69
C ARG B 32 -9.87 -48.57 27.82
N HIS B 33 -9.14 -47.46 27.84
CA HIS B 33 -9.36 -46.45 28.88
C HIS B 33 -10.28 -45.35 28.38
N HIS B 34 -11.55 -45.69 28.26
CA HIS B 34 -12.58 -44.77 27.77
C HIS B 34 -12.98 -43.71 28.80
N ASN B 35 -12.10 -43.45 29.76
CA ASN B 35 -12.37 -42.45 30.79
C ASN B 35 -11.25 -41.42 30.72
N MET B 36 -10.26 -41.75 29.89
CA MET B 36 -9.09 -40.91 29.66
C MET B 36 -9.40 -39.88 28.57
N VAL B 37 -10.42 -40.15 27.77
CA VAL B 37 -10.81 -39.28 26.67
C VAL B 37 -11.98 -38.36 27.05
N TYR B 38 -11.84 -37.08 26.72
CA TYR B 38 -12.90 -36.12 27.04
C TYR B 38 -13.06 -35.07 25.94
N ALA B 39 -14.22 -34.40 25.95
CA ALA B 39 -14.53 -33.36 24.99
C ALA B 39 -14.85 -32.07 25.75
N THR B 40 -14.17 -30.99 25.40
CA THR B 40 -14.38 -29.71 26.06
C THR B 40 -15.80 -29.23 25.78
N THR B 41 -16.44 -28.65 26.79
CA THR B 41 -17.81 -28.14 26.64
C THR B 41 -17.90 -26.73 27.18
N SER B 42 -19.05 -26.09 26.96
CA SER B 42 -19.27 -24.72 27.42
C SER B 42 -19.23 -24.60 28.94
N ARG B 43 -19.21 -25.74 29.64
CA ARG B 43 -19.19 -25.76 31.10
C ARG B 43 -17.87 -25.21 31.62
N SER B 44 -16.83 -25.29 30.81
CA SER B 44 -15.52 -24.79 31.20
C SER B 44 -15.20 -23.49 30.46
N ALA B 45 -16.24 -22.76 30.08
CA ALA B 45 -16.06 -21.50 29.35
C ALA B 45 -15.47 -20.44 30.27
N SER B 46 -15.98 -20.33 31.49
CA SER B 46 -15.49 -19.34 32.44
C SER B 46 -13.99 -19.49 32.74
N LEU B 47 -13.48 -20.71 32.67
CA LEU B 47 -12.06 -20.93 32.92
C LEU B 47 -11.25 -20.36 31.77
N ARG B 48 -11.80 -20.47 30.56
CA ARG B 48 -11.14 -19.96 29.36
C ARG B 48 -11.09 -18.43 29.43
N GLN B 49 -12.25 -17.84 29.72
CA GLN B 49 -12.38 -16.39 29.83
C GLN B 49 -11.30 -15.75 30.70
N LYS B 50 -11.10 -16.28 31.89
CA LYS B 50 -10.10 -15.75 32.81
C LYS B 50 -8.72 -15.84 32.19
N LYS B 51 -8.51 -16.89 31.40
CA LYS B 51 -7.24 -17.13 30.74
C LYS B 51 -6.95 -16.12 29.62
N VAL B 52 -7.98 -15.73 28.88
CA VAL B 52 -7.81 -14.81 27.76
C VAL B 52 -8.15 -13.34 28.02
N THR B 53 -8.54 -13.03 29.26
CA THR B 53 -8.91 -11.66 29.61
C THR B 53 -7.83 -10.92 30.37
N PHE B 54 -7.22 -9.93 29.72
CA PHE B 54 -6.17 -9.13 30.34
C PHE B 54 -5.91 -7.85 29.55
N ASP B 55 -5.21 -6.92 30.19
CA ASP B 55 -4.88 -5.62 29.60
C ASP B 55 -3.56 -5.71 28.83
N ARG B 56 -3.55 -5.19 27.60
CA ARG B 56 -2.35 -5.20 26.77
C ARG B 56 -1.59 -3.87 26.84
N LEU B 57 -0.29 -3.93 27.10
CA LEU B 57 0.57 -2.74 27.14
C LEU B 57 1.63 -2.94 26.06
N GLN B 58 1.38 -2.36 24.90
CA GLN B 58 2.27 -2.51 23.75
C GLN B 58 3.17 -1.30 23.52
N VAL B 59 4.46 -1.59 23.31
CA VAL B 59 5.44 -0.55 23.07
C VAL B 59 6.24 -0.94 21.84
N LEU B 60 6.15 -0.12 20.80
CA LEU B 60 6.85 -0.38 19.55
C LEU B 60 8.19 0.37 19.49
N ASP B 61 9.10 -0.08 18.64
CA ASP B 61 10.39 0.59 18.48
C ASP B 61 10.82 0.65 17.02
N ASP B 62 12.05 1.08 16.77
CA ASP B 62 12.55 1.19 15.40
C ASP B 62 12.67 -0.15 14.69
N HIS B 63 13.05 -1.20 15.41
CA HIS B 63 13.18 -2.52 14.79
C HIS B 63 11.84 -2.97 14.25
N TYR B 64 10.79 -2.74 15.03
CA TYR B 64 9.44 -3.10 14.65
C TYR B 64 9.05 -2.34 13.38
N ARG B 65 9.25 -1.02 13.39
CA ARG B 65 8.92 -0.18 12.25
C ARG B 65 9.74 -0.51 11.01
N ASP B 66 11.00 -0.92 11.20
CA ASP B 66 11.85 -1.27 10.08
C ASP B 66 11.28 -2.50 9.37
N VAL B 67 11.01 -3.55 10.13
CA VAL B 67 10.46 -4.78 9.58
C VAL B 67 9.11 -4.54 8.90
N LEU B 68 8.28 -3.71 9.51
CA LEU B 68 6.97 -3.42 8.93
C LEU B 68 7.16 -2.84 7.53
N LYS B 69 8.07 -1.89 7.39
CA LYS B 69 8.35 -1.29 6.09
C LYS B 69 8.84 -2.32 5.09
N GLU B 70 9.75 -3.19 5.51
CA GLU B 70 10.26 -4.24 4.64
C GLU B 70 9.13 -5.14 4.18
N MET B 71 8.22 -5.49 5.10
CA MET B 71 7.09 -6.34 4.77
C MET B 71 6.14 -5.66 3.77
N LYS B 72 5.90 -4.37 3.97
CA LYS B 72 5.01 -3.62 3.09
C LYS B 72 5.58 -3.53 1.69
N ALA B 73 6.90 -3.37 1.59
CA ALA B 73 7.56 -3.30 0.29
C ALA B 73 7.30 -4.57 -0.52
N LYS B 74 7.22 -5.70 0.16
CA LYS B 74 6.99 -6.97 -0.51
C LYS B 74 5.51 -7.11 -0.84
N ALA B 75 4.65 -6.71 0.09
CA ALA B 75 3.20 -6.79 -0.14
C ALA B 75 2.79 -5.95 -1.35
N SER B 76 3.49 -4.85 -1.56
CA SER B 76 3.16 -3.95 -2.68
C SER B 76 3.34 -4.57 -4.07
N THR B 77 3.86 -5.79 -4.16
CA THR B 77 4.03 -6.42 -5.47
C THR B 77 2.82 -7.30 -5.77
N VAL B 78 1.92 -7.39 -4.79
CA VAL B 78 0.74 -8.24 -4.94
C VAL B 78 -0.45 -7.57 -5.62
N LYS B 79 -1.16 -8.36 -6.41
CA LYS B 79 -2.37 -7.90 -7.08
C LYS B 79 -3.43 -8.91 -6.71
N ALA B 80 -4.42 -8.49 -5.96
CA ALA B 80 -5.47 -9.40 -5.53
C ALA B 80 -6.78 -9.13 -6.25
N LYS B 81 -7.48 -10.19 -6.62
CA LYS B 81 -8.74 -10.02 -7.31
C LYS B 81 -9.90 -10.10 -6.33
N LEU B 82 -11.00 -9.48 -6.75
CA LEU B 82 -12.23 -9.44 -5.99
C LEU B 82 -13.02 -10.65 -6.46
N LEU B 83 -13.40 -11.54 -5.55
CA LEU B 83 -14.17 -12.72 -5.94
C LEU B 83 -15.60 -12.32 -6.24
N SER B 84 -16.21 -13.02 -7.21
CA SER B 84 -17.60 -12.77 -7.55
C SER B 84 -18.42 -13.38 -6.43
N ILE B 85 -19.66 -12.93 -6.29
CA ILE B 85 -20.53 -13.46 -5.24
C ILE B 85 -20.67 -14.98 -5.35
N GLU B 86 -20.67 -15.51 -6.58
CA GLU B 86 -20.79 -16.95 -6.77
C GLU B 86 -19.53 -17.69 -6.36
N GLU B 87 -18.39 -17.13 -6.72
CA GLU B 87 -17.11 -17.73 -6.37
C GLU B 87 -16.97 -17.84 -4.85
N ALA B 88 -17.46 -16.83 -4.13
CA ALA B 88 -17.38 -16.84 -2.68
C ALA B 88 -18.33 -17.90 -2.12
N CYS B 89 -19.50 -18.02 -2.74
CA CYS B 89 -20.47 -19.01 -2.30
C CYS B 89 -19.94 -20.43 -2.40
N LYS B 90 -19.31 -20.74 -3.51
CA LYS B 90 -18.77 -22.06 -3.75
C LYS B 90 -17.66 -22.42 -2.75
N LEU B 91 -17.14 -21.43 -2.06
CA LEU B 91 -16.09 -21.65 -1.06
C LEU B 91 -16.64 -21.93 0.33
N THR B 92 -17.96 -21.87 0.47
CA THR B 92 -18.61 -22.07 1.75
C THR B 92 -18.82 -23.54 2.09
N PRO B 93 -18.36 -23.96 3.29
CA PRO B 93 -18.52 -25.35 3.71
C PRO B 93 -19.99 -25.73 3.75
N PRO B 94 -20.31 -26.96 3.34
CA PRO B 94 -21.70 -27.46 3.33
C PRO B 94 -22.40 -27.43 4.68
N HIS B 95 -21.62 -27.45 5.75
CA HIS B 95 -22.21 -27.43 7.09
C HIS B 95 -21.84 -26.19 7.92
N SER B 96 -21.54 -25.11 7.21
CA SER B 96 -21.19 -23.84 7.86
C SER B 96 -22.43 -23.30 8.60
N ALA B 97 -22.21 -22.69 9.76
CA ALA B 97 -23.30 -22.14 10.57
C ALA B 97 -24.28 -21.32 9.73
N LYS B 98 -25.56 -21.64 9.83
CA LYS B 98 -26.57 -20.92 9.06
C LYS B 98 -26.66 -19.46 9.49
N SER B 99 -27.29 -18.67 8.65
CA SER B 99 -27.47 -17.25 8.92
C SER B 99 -28.70 -17.06 9.79
N LYS B 100 -28.71 -15.97 10.56
CA LYS B 100 -29.84 -15.69 11.42
C LYS B 100 -30.90 -14.99 10.57
N PHE B 101 -30.63 -14.86 9.28
CA PHE B 101 -31.57 -14.19 8.39
C PHE B 101 -32.45 -15.10 7.55
N GLY B 102 -32.50 -16.38 7.89
CA GLY B 102 -33.37 -17.29 7.17
C GLY B 102 -32.81 -18.14 6.06
N TYR B 103 -31.52 -18.43 6.09
CA TYR B 103 -30.93 -19.27 5.07
C TYR B 103 -29.67 -19.90 5.61
N GLY B 104 -29.22 -20.98 4.96
CA GLY B 104 -28.03 -21.66 5.43
C GLY B 104 -26.99 -21.86 4.35
N ALA B 105 -25.95 -22.60 4.71
CA ALA B 105 -24.85 -22.91 3.81
C ALA B 105 -25.36 -23.52 2.51
N LYS B 106 -26.32 -24.44 2.63
CA LYS B 106 -26.87 -25.09 1.45
C LYS B 106 -27.49 -24.09 0.47
N ASP B 107 -28.23 -23.13 1.01
CA ASP B 107 -28.86 -22.11 0.17
C ASP B 107 -27.80 -21.23 -0.47
N VAL B 108 -26.70 -21.01 0.25
CA VAL B 108 -25.60 -20.21 -0.26
C VAL B 108 -24.89 -20.95 -1.40
N ARG B 109 -24.52 -22.19 -1.14
CA ARG B 109 -23.85 -22.99 -2.16
C ARG B 109 -24.73 -23.16 -3.39
N ASN B 110 -26.05 -23.14 -3.20
CA ASN B 110 -26.96 -23.27 -4.33
C ASN B 110 -27.33 -21.92 -4.94
N LEU B 111 -26.70 -20.86 -4.43
CA LEU B 111 -26.94 -19.51 -4.94
C LEU B 111 -28.40 -19.11 -4.95
N SER B 112 -29.17 -19.53 -3.94
CA SER B 112 -30.59 -19.16 -3.92
C SER B 112 -30.71 -17.65 -3.81
N SER B 113 -31.73 -17.10 -4.46
CA SER B 113 -31.97 -15.66 -4.47
C SER B 113 -32.00 -15.07 -3.06
N ARG B 114 -32.66 -15.76 -2.14
CA ARG B 114 -32.76 -15.26 -0.78
C ARG B 114 -31.39 -15.03 -0.16
N ALA B 115 -30.48 -15.98 -0.36
CA ALA B 115 -29.14 -15.90 0.20
C ALA B 115 -28.27 -14.90 -0.55
N VAL B 116 -28.30 -14.96 -1.87
CA VAL B 116 -27.51 -14.07 -2.70
C VAL B 116 -27.88 -12.61 -2.50
N ASN B 117 -29.17 -12.34 -2.38
CA ASN B 117 -29.62 -10.97 -2.20
C ASN B 117 -29.25 -10.45 -0.82
N HIS B 118 -29.13 -11.32 0.16
CA HIS B 118 -28.77 -10.87 1.49
C HIS B 118 -27.27 -10.62 1.57
N ILE B 119 -26.49 -11.45 0.88
CA ILE B 119 -25.05 -11.30 0.84
C ILE B 119 -24.77 -9.96 0.15
N ARG B 120 -25.51 -9.72 -0.93
CA ARG B 120 -25.38 -8.49 -1.70
C ARG B 120 -25.72 -7.26 -0.85
N SER B 121 -26.69 -7.39 0.05
CA SER B 121 -27.06 -6.27 0.91
C SER B 121 -26.00 -6.03 1.98
N VAL B 122 -25.34 -7.10 2.40
CA VAL B 122 -24.30 -7.00 3.41
C VAL B 122 -23.10 -6.30 2.80
N TRP B 123 -22.84 -6.60 1.53
CA TRP B 123 -21.74 -5.98 0.82
C TRP B 123 -21.99 -4.48 0.66
N GLU B 124 -23.23 -4.12 0.33
CA GLU B 124 -23.60 -2.72 0.17
C GLU B 124 -23.47 -1.96 1.49
N ASP B 125 -23.78 -2.64 2.59
CA ASP B 125 -23.72 -2.03 3.91
C ASP B 125 -22.27 -1.74 4.27
N LEU B 126 -21.35 -2.59 3.83
CA LEU B 126 -19.94 -2.37 4.09
C LEU B 126 -19.47 -1.08 3.40
N LEU B 127 -20.11 -0.73 2.28
CA LEU B 127 -19.74 0.49 1.57
C LEU B 127 -20.50 1.70 2.10
N GLU B 128 -21.71 1.46 2.61
CA GLU B 128 -22.57 2.53 3.14
C GLU B 128 -22.29 2.86 4.61
N ASP B 129 -21.67 1.92 5.33
CA ASP B 129 -21.39 2.10 6.75
C ASP B 129 -19.96 1.73 7.07
N THR B 130 -19.18 2.75 7.44
CA THR B 130 -17.77 2.53 7.73
C THR B 130 -17.39 2.33 9.19
N GLU B 131 -18.34 2.38 10.12
CA GLU B 131 -17.96 2.23 11.52
C GLU B 131 -18.78 1.42 12.50
N THR B 132 -20.06 1.20 12.23
CA THR B 132 -20.88 0.44 13.14
C THR B 132 -20.33 -0.98 13.35
N PRO B 133 -19.98 -1.32 14.60
CA PRO B 133 -19.44 -2.65 14.92
C PRO B 133 -20.38 -3.75 14.44
N ILE B 134 -19.82 -4.77 13.81
CA ILE B 134 -20.62 -5.88 13.31
C ILE B 134 -20.76 -6.94 14.40
N ASP B 135 -21.99 -7.41 14.61
CA ASP B 135 -22.21 -8.42 15.63
C ASP B 135 -21.46 -9.70 15.31
N THR B 136 -21.13 -10.43 16.37
CA THR B 136 -20.45 -11.71 16.25
C THR B 136 -21.07 -12.65 17.27
N THR B 137 -20.93 -13.94 17.04
CA THR B 137 -21.46 -14.92 17.96
C THR B 137 -20.27 -15.56 18.64
N ILE B 138 -20.39 -15.84 19.93
CA ILE B 138 -19.31 -16.48 20.66
C ILE B 138 -19.82 -17.85 21.12
N MET B 139 -18.96 -18.86 21.02
CA MET B 139 -19.34 -20.21 21.41
C MET B 139 -18.14 -20.89 22.07
N ALA B 140 -18.41 -22.03 22.69
CA ALA B 140 -17.35 -22.82 23.31
C ALA B 140 -17.07 -23.88 22.25
N LYS B 141 -15.80 -24.04 21.88
CA LYS B 141 -15.44 -25.02 20.85
C LYS B 141 -15.36 -26.42 21.45
N SER B 142 -15.95 -27.39 20.76
CA SER B 142 -15.94 -28.78 21.20
C SER B 142 -14.72 -29.50 20.63
N GLU B 143 -13.79 -29.86 21.52
CA GLU B 143 -12.57 -30.55 21.09
C GLU B 143 -12.30 -31.75 21.97
N VAL B 144 -11.62 -32.75 21.42
CA VAL B 144 -11.30 -33.96 22.15
C VAL B 144 -9.82 -34.04 22.52
N PHE B 145 -9.56 -34.33 23.80
CA PHE B 145 -8.20 -34.44 24.31
C PHE B 145 -8.12 -35.61 25.29
N CYS B 146 -6.92 -35.88 25.79
CA CYS B 146 -6.73 -36.95 26.76
C CYS B 146 -6.32 -36.33 28.10
N VAL B 147 -6.90 -36.85 29.18
CA VAL B 147 -6.59 -36.35 30.51
C VAL B 147 -5.09 -36.41 30.75
N GLN B 148 -4.55 -35.40 31.44
CA GLN B 148 -3.12 -35.36 31.72
C GLN B 148 -2.86 -35.16 33.21
N PRO B 149 -1.80 -35.79 33.74
CA PRO B 149 -1.42 -35.70 35.16
C PRO B 149 -0.80 -34.34 35.51
N GLY B 153 -4.46 -30.59 34.35
CA GLY B 153 -5.38 -31.76 34.21
C GLY B 153 -6.17 -31.76 32.91
N ARG B 154 -7.24 -30.98 32.87
CA ARG B 154 -8.08 -30.90 31.68
C ARG B 154 -8.09 -29.49 31.08
N LYS B 155 -7.91 -29.42 29.77
CA LYS B 155 -7.90 -28.15 29.06
C LYS B 155 -9.30 -27.58 28.87
N PRO B 156 -9.49 -26.29 29.18
CA PRO B 156 -10.81 -25.67 29.02
C PRO B 156 -11.09 -25.42 27.54
N ALA B 157 -12.36 -25.38 27.19
CA ALA B 157 -12.76 -25.16 25.79
C ALA B 157 -12.30 -23.81 25.25
N ARG B 158 -11.85 -23.79 24.01
CA ARG B 158 -11.42 -22.54 23.39
C ARG B 158 -12.67 -21.80 22.97
N LEU B 159 -12.57 -20.47 22.86
CA LEU B 159 -13.71 -19.67 22.44
C LEU B 159 -13.58 -19.37 20.96
N ILE B 160 -14.70 -19.37 20.27
CA ILE B 160 -14.69 -19.05 18.86
C ILE B 160 -15.67 -17.91 18.67
N VAL B 161 -15.19 -16.87 17.99
CA VAL B 161 -16.00 -15.69 17.71
C VAL B 161 -16.11 -15.55 16.20
N PHE B 162 -17.34 -15.48 15.69
CA PHE B 162 -17.55 -15.37 14.25
C PHE B 162 -18.76 -14.56 13.87
N PRO B 163 -18.68 -13.84 12.74
CA PRO B 163 -19.74 -13.00 12.19
C PRO B 163 -20.80 -13.88 11.53
N ASP B 164 -21.87 -13.25 11.07
CA ASP B 164 -22.94 -13.99 10.40
C ASP B 164 -22.50 -14.54 9.04
N LEU B 165 -23.18 -15.59 8.59
CA LEU B 165 -22.87 -16.22 7.30
C LEU B 165 -22.76 -15.20 6.15
N GLY B 166 -23.71 -14.28 6.06
CA GLY B 166 -23.66 -13.28 5.00
C GLY B 166 -22.36 -12.50 5.03
N VAL B 167 -21.89 -12.18 6.23
CA VAL B 167 -20.64 -11.44 6.36
C VAL B 167 -19.47 -12.31 5.96
N ARG B 168 -19.49 -13.59 6.35
CA ARG B 168 -18.39 -14.49 6.00
C ARG B 168 -18.21 -14.60 4.48
N VAL B 169 -19.32 -14.51 3.74
CA VAL B 169 -19.25 -14.59 2.30
C VAL B 169 -18.62 -13.30 1.75
N CYS B 170 -18.97 -12.17 2.34
CA CYS B 170 -18.41 -10.90 1.91
C CYS B 170 -16.91 -10.84 2.18
N GLU B 171 -16.47 -11.44 3.29
CA GLU B 171 -15.05 -11.44 3.62
C GLU B 171 -14.32 -12.16 2.49
N LYS B 172 -14.86 -13.30 2.09
CA LYS B 172 -14.26 -14.10 1.03
C LYS B 172 -14.10 -13.25 -0.24
N MET B 173 -15.18 -12.57 -0.63
CA MET B 173 -15.16 -11.75 -1.83
C MET B 173 -14.06 -10.71 -1.84
N ALA B 174 -13.86 -10.05 -0.70
CA ALA B 174 -12.85 -9.01 -0.61
C ALA B 174 -11.45 -9.46 -0.22
N LEU B 175 -11.34 -10.55 0.53
CA LEU B 175 -10.05 -10.97 1.01
C LEU B 175 -9.58 -12.39 0.75
N TYR B 176 -10.38 -13.21 0.07
CA TYR B 176 -9.93 -14.57 -0.15
C TYR B 176 -8.62 -14.64 -0.90
N ASP B 177 -8.51 -13.89 -1.99
CA ASP B 177 -7.29 -13.90 -2.78
C ASP B 177 -6.14 -13.26 -2.03
N VAL B 178 -6.43 -12.25 -1.22
CA VAL B 178 -5.38 -11.59 -0.45
C VAL B 178 -4.77 -12.56 0.57
N VAL B 179 -5.59 -13.14 1.43
CA VAL B 179 -5.08 -14.06 2.44
C VAL B 179 -4.49 -15.34 1.85
N SER B 180 -4.71 -15.56 0.56
CA SER B 180 -4.19 -16.74 -0.12
C SER B 180 -2.85 -16.51 -0.79
N THR B 181 -2.51 -15.26 -1.08
CA THR B 181 -1.25 -15.01 -1.78
C THR B 181 -0.30 -14.04 -1.08
N LEU B 182 -0.84 -13.11 -0.31
CA LEU B 182 -0.02 -12.12 0.38
C LEU B 182 1.05 -12.67 1.34
N PRO B 183 0.65 -13.57 2.27
CA PRO B 183 1.61 -14.13 3.21
C PRO B 183 2.87 -14.66 2.53
N GLN B 184 2.67 -15.43 1.47
CA GLN B 184 3.77 -16.00 0.71
C GLN B 184 4.70 -14.90 0.18
N ALA B 185 4.09 -13.90 -0.46
CA ALA B 185 4.84 -12.80 -1.04
C ALA B 185 5.57 -11.98 0.01
N VAL B 186 5.00 -11.88 1.19
CA VAL B 186 5.61 -11.06 2.24
C VAL B 186 6.70 -11.77 3.04
N MET B 187 6.45 -13.03 3.41
CA MET B 187 7.38 -13.80 4.23
C MET B 187 8.23 -14.84 3.49
N GLY B 188 7.93 -15.07 2.22
CA GLY B 188 8.68 -16.04 1.45
C GLY B 188 8.69 -17.43 2.04
N SER B 189 9.85 -18.07 2.05
CA SER B 189 9.97 -19.43 2.57
C SER B 189 9.64 -19.58 4.05
N SER B 190 9.59 -18.46 4.77
CA SER B 190 9.26 -18.50 6.20
C SER B 190 7.77 -18.76 6.44
N TYR B 191 6.97 -18.68 5.38
CA TYR B 191 5.53 -18.94 5.50
C TYR B 191 5.31 -20.45 5.46
N GLY B 192 5.00 -21.02 6.63
CA GLY B 192 4.83 -22.45 6.74
C GLY B 192 3.66 -23.12 6.04
N PHE B 193 2.60 -22.37 5.75
CA PHE B 193 1.44 -22.97 5.11
C PHE B 193 1.61 -23.32 3.64
N GLN B 194 2.78 -23.02 3.07
CA GLN B 194 3.03 -23.33 1.67
C GLN B 194 3.69 -24.71 1.54
N TYR B 195 3.98 -25.33 2.67
CA TYR B 195 4.64 -26.63 2.68
C TYR B 195 3.78 -27.83 3.05
N SER B 196 3.97 -28.91 2.33
CA SER B 196 3.29 -30.16 2.63
C SER B 196 4.17 -30.68 3.77
N PRO B 197 3.67 -31.62 4.58
CA PRO B 197 4.51 -32.12 5.67
C PRO B 197 5.95 -32.42 5.25
N LYS B 198 6.11 -33.10 4.12
CA LYS B 198 7.44 -33.45 3.64
C LYS B 198 8.28 -32.21 3.35
N GLN B 199 7.69 -31.22 2.66
CA GLN B 199 8.40 -30.00 2.32
C GLN B 199 8.76 -29.21 3.56
N ARG B 200 7.91 -29.28 4.58
CA ARG B 200 8.18 -28.57 5.83
C ARG B 200 9.44 -29.17 6.42
N VAL B 201 9.47 -30.50 6.48
CA VAL B 201 10.62 -31.23 7.00
C VAL B 201 11.85 -30.81 6.20
N GLU B 202 11.68 -30.76 4.89
CA GLU B 202 12.75 -30.37 3.99
C GLU B 202 13.34 -29.02 4.40
N PHE B 203 12.47 -28.00 4.51
CA PHE B 203 12.90 -26.65 4.86
C PHE B 203 13.61 -26.56 6.21
N LEU B 204 13.07 -27.21 7.23
CA LEU B 204 13.70 -27.18 8.55
C LEU B 204 15.11 -27.78 8.48
N VAL B 205 15.22 -28.94 7.84
CA VAL B 205 16.52 -29.61 7.72
C VAL B 205 17.54 -28.76 6.98
N ASN B 206 17.19 -28.31 5.78
CA ASN B 206 18.09 -27.49 4.98
C ASN B 206 18.48 -26.23 5.73
N THR B 207 17.52 -25.66 6.45
CA THR B 207 17.78 -24.44 7.22
C THR B 207 18.71 -24.76 8.38
N TRP B 208 18.46 -25.89 9.02
CA TRP B 208 19.26 -26.32 10.16
C TRP B 208 20.72 -26.59 9.76
N LYS B 209 20.91 -27.27 8.64
CA LYS B 209 22.24 -27.61 8.15
C LYS B 209 22.94 -26.41 7.51
N SER B 210 22.19 -25.36 7.22
CA SER B 210 22.74 -24.17 6.59
C SER B 210 23.47 -23.27 7.58
N LYS B 211 23.48 -23.68 8.84
CA LYS B 211 24.15 -22.91 9.88
C LYS B 211 25.46 -23.62 10.26
N LYS B 212 26.44 -22.85 10.70
CA LYS B 212 27.72 -23.41 11.13
C LYS B 212 27.41 -24.22 12.39
N CYS B 213 26.76 -23.57 13.35
CA CYS B 213 26.36 -24.21 14.60
C CYS B 213 24.91 -23.82 14.88
N PRO B 214 23.97 -24.56 14.28
CA PRO B 214 22.51 -24.36 14.41
C PRO B 214 21.91 -24.49 15.80
N MET B 215 21.20 -23.44 16.20
CA MET B 215 20.49 -23.38 17.48
C MET B 215 19.08 -22.95 17.15
N GLY B 216 18.10 -23.72 17.61
CA GLY B 216 16.73 -23.37 17.32
C GLY B 216 15.81 -23.45 18.52
N PHE B 217 14.67 -22.76 18.44
CA PHE B 217 13.70 -22.78 19.52
C PHE B 217 12.30 -22.48 19.01
N SER B 218 11.32 -23.04 19.70
CA SER B 218 9.93 -22.82 19.35
C SER B 218 9.46 -21.78 20.36
N TYR B 219 8.66 -20.83 19.91
CA TYR B 219 8.15 -19.80 20.80
C TYR B 219 6.64 -19.93 20.90
N ASP B 220 6.16 -20.15 22.11
CA ASP B 220 4.73 -20.28 22.33
C ASP B 220 4.22 -18.99 22.96
N THR B 221 3.37 -18.27 22.25
CA THR B 221 2.80 -17.04 22.77
C THR B 221 1.61 -17.45 23.62
N ARG B 222 1.45 -16.80 24.77
CA ARG B 222 0.34 -17.11 25.65
C ARG B 222 -0.96 -16.53 25.13
N CYS B 223 -1.81 -17.40 24.59
CA CYS B 223 -3.11 -16.99 24.04
C CYS B 223 -2.91 -15.87 23.02
N PHE B 224 -2.29 -16.21 21.90
CA PHE B 224 -1.99 -15.24 20.87
C PHE B 224 -3.14 -14.35 20.44
N ASP B 225 -4.30 -14.94 20.17
CA ASP B 225 -5.46 -14.16 19.73
C ASP B 225 -5.78 -12.97 20.63
N SER B 226 -5.68 -13.15 21.95
CA SER B 226 -6.00 -12.06 22.87
C SER B 226 -4.88 -11.04 23.01
N THR B 227 -3.69 -11.40 22.54
CA THR B 227 -2.55 -10.49 22.61
C THR B 227 -2.56 -9.53 21.43
N VAL B 228 -3.33 -9.85 20.40
CA VAL B 228 -3.42 -9.00 19.23
C VAL B 228 -4.16 -7.71 19.62
N THR B 229 -3.53 -6.57 19.37
CA THR B 229 -4.10 -5.27 19.69
C THR B 229 -4.79 -4.62 18.51
N GLU B 230 -5.50 -3.52 18.76
CA GLU B 230 -6.18 -2.80 17.70
C GLU B 230 -5.10 -2.30 16.74
N SER B 231 -3.98 -1.87 17.31
CA SER B 231 -2.85 -1.40 16.53
C SER B 231 -2.34 -2.47 15.59
N ASP B 232 -2.24 -3.71 16.07
CA ASP B 232 -1.77 -4.82 15.23
C ASP B 232 -2.72 -5.09 14.06
N ILE B 233 -4.02 -5.07 14.35
CA ILE B 233 -5.01 -5.31 13.33
C ILE B 233 -4.99 -4.22 12.26
N ARG B 234 -4.65 -3.00 12.67
CA ARG B 234 -4.57 -1.90 11.74
C ARG B 234 -3.26 -1.95 10.95
N VAL B 235 -2.19 -2.42 11.57
CA VAL B 235 -0.90 -2.53 10.91
C VAL B 235 -1.08 -3.61 9.84
N GLU B 236 -1.86 -4.61 10.21
CA GLU B 236 -2.15 -5.72 9.34
C GLU B 236 -2.91 -5.19 8.11
N GLU B 237 -3.90 -4.34 8.33
CA GLU B 237 -4.66 -3.75 7.23
C GLU B 237 -3.74 -2.91 6.34
N SER B 238 -2.84 -2.15 6.96
CA SER B 238 -1.92 -1.31 6.20
C SER B 238 -1.13 -2.17 5.24
N ILE B 239 -0.90 -3.42 5.62
CA ILE B 239 -0.18 -4.35 4.77
C ILE B 239 -1.08 -4.83 3.64
N TYR B 240 -2.35 -5.13 3.92
CA TYR B 240 -3.27 -5.57 2.87
C TYR B 240 -3.50 -4.45 1.85
N GLN B 241 -3.51 -3.21 2.32
CA GLN B 241 -3.75 -2.07 1.45
C GLN B 241 -2.63 -1.81 0.45
N CYS B 242 -1.51 -2.51 0.62
CA CYS B 242 -0.39 -2.35 -0.30
C CYS B 242 -0.64 -3.10 -1.60
N CYS B 243 -1.61 -4.01 -1.58
CA CYS B 243 -1.96 -4.79 -2.77
C CYS B 243 -2.75 -3.93 -3.74
N ASP B 244 -2.76 -4.33 -5.00
CA ASP B 244 -3.56 -3.62 -5.97
C ASP B 244 -4.94 -4.23 -5.71
N LEU B 245 -5.91 -3.39 -5.42
CA LEU B 245 -7.26 -3.88 -5.10
C LEU B 245 -8.32 -3.10 -5.84
N ALA B 246 -9.46 -3.76 -6.06
CA ALA B 246 -10.60 -3.11 -6.71
C ALA B 246 -11.08 -2.08 -5.67
N PRO B 247 -11.64 -0.96 -6.13
CA PRO B 247 -12.14 0.09 -5.24
C PRO B 247 -12.97 -0.44 -4.09
N GLU B 248 -14.02 -1.20 -4.42
CA GLU B 248 -14.91 -1.76 -3.43
C GLU B 248 -14.25 -2.77 -2.51
N ALA B 249 -13.24 -3.47 -3.02
CA ALA B 249 -12.51 -4.43 -2.18
C ALA B 249 -11.76 -3.62 -1.14
N ARG B 250 -11.16 -2.51 -1.59
CA ARG B 250 -10.39 -1.64 -0.72
C ARG B 250 -11.27 -1.08 0.39
N GLN B 251 -12.51 -0.70 0.04
CA GLN B 251 -13.44 -0.18 1.02
C GLN B 251 -13.93 -1.27 1.96
N ALA B 252 -14.22 -2.45 1.41
CA ALA B 252 -14.70 -3.58 2.20
C ALA B 252 -13.67 -3.95 3.28
N ILE B 253 -12.40 -3.96 2.89
CA ILE B 253 -11.30 -4.27 3.79
C ILE B 253 -11.22 -3.19 4.88
N ARG B 254 -11.37 -1.94 4.48
CA ARG B 254 -11.34 -0.81 5.41
C ARG B 254 -12.47 -0.95 6.42
N SER B 255 -13.69 -1.14 5.92
CA SER B 255 -14.87 -1.29 6.78
C SER B 255 -14.78 -2.52 7.67
N LEU B 256 -14.40 -3.66 7.10
CA LEU B 256 -14.28 -4.89 7.86
C LEU B 256 -13.23 -4.75 8.96
N THR B 257 -12.18 -3.96 8.70
CA THR B 257 -11.15 -3.75 9.70
C THR B 257 -11.70 -3.01 10.91
N GLU B 258 -12.41 -1.90 10.66
CA GLU B 258 -12.96 -1.09 11.73
C GLU B 258 -14.22 -1.63 12.38
N ARG B 259 -15.02 -2.36 11.62
CA ARG B 259 -16.28 -2.88 12.14
C ARG B 259 -16.23 -4.32 12.64
N LEU B 260 -15.22 -5.07 12.24
CA LEU B 260 -15.16 -6.45 12.65
C LEU B 260 -13.83 -6.91 13.21
N TYR B 261 -12.77 -6.75 12.44
CA TYR B 261 -11.46 -7.20 12.87
C TYR B 261 -10.86 -6.60 14.15
N ILE B 262 -11.04 -5.30 14.38
CA ILE B 262 -10.46 -4.70 15.59
C ILE B 262 -11.30 -4.98 16.83
N GLY B 263 -12.50 -5.51 16.64
CA GLY B 263 -13.34 -5.81 17.77
C GLY B 263 -14.81 -5.60 17.52
N GLY B 264 -15.60 -5.80 18.57
CA GLY B 264 -17.03 -5.66 18.47
C GLY B 264 -17.74 -6.41 19.56
N PRO B 265 -19.08 -6.30 19.62
CA PRO B 265 -19.91 -6.98 20.61
C PRO B 265 -19.96 -8.49 20.43
N LEU B 266 -20.10 -9.21 21.56
CA LEU B 266 -20.18 -10.67 21.57
C LEU B 266 -21.60 -11.10 21.95
N THR B 267 -22.14 -12.06 21.22
CA THR B 267 -23.50 -12.52 21.50
C THR B 267 -23.55 -14.05 21.59
N ASN B 268 -24.22 -14.57 22.61
CA ASN B 268 -24.34 -16.03 22.77
C ASN B 268 -25.45 -16.58 21.88
N SER B 269 -25.53 -17.91 21.82
CA SER B 269 -26.54 -18.56 20.98
C SER B 269 -27.96 -18.17 21.31
N LYS B 270 -28.18 -17.57 22.49
CA LYS B 270 -29.51 -17.14 22.91
C LYS B 270 -29.85 -15.69 22.55
N GLY B 271 -28.93 -14.99 21.90
CA GLY B 271 -29.18 -13.60 21.53
C GLY B 271 -28.87 -12.60 22.62
N GLN B 272 -28.14 -13.04 23.64
CA GLN B 272 -27.79 -12.17 24.75
C GLN B 272 -26.40 -11.57 24.55
N ASN B 273 -26.23 -10.33 25.00
CA ASN B 273 -24.95 -9.66 24.89
C ASN B 273 -24.02 -10.19 25.97
N CYS B 274 -22.94 -10.85 25.55
CA CYS B 274 -21.98 -11.43 26.49
C CYS B 274 -20.82 -10.50 26.82
N GLY B 275 -20.70 -9.41 26.06
CA GLY B 275 -19.60 -8.50 26.32
C GLY B 275 -19.05 -7.88 25.06
N TYR B 276 -17.77 -7.52 25.10
CA TYR B 276 -17.13 -6.86 23.98
C TYR B 276 -15.72 -7.38 23.78
N ARG B 277 -15.33 -7.56 22.52
CA ARG B 277 -13.99 -8.05 22.16
C ARG B 277 -13.12 -6.90 21.60
N ARG B 278 -11.84 -6.91 21.96
CA ARG B 278 -10.89 -5.89 21.48
C ARG B 278 -9.61 -6.56 21.02
N CYS B 279 -9.73 -7.81 20.57
CA CYS B 279 -8.58 -8.55 20.09
C CYS B 279 -9.04 -9.39 18.91
N ARG B 280 -8.16 -10.29 18.46
CA ARG B 280 -8.44 -11.16 17.33
C ARG B 280 -9.61 -12.11 17.52
N ALA B 281 -10.50 -12.14 16.54
CA ALA B 281 -11.63 -13.07 16.57
C ALA B 281 -11.09 -14.32 15.87
N SER B 282 -11.37 -15.50 16.44
CA SER B 282 -10.87 -16.73 15.85
C SER B 282 -11.62 -17.14 14.57
N GLY B 283 -12.89 -16.77 14.48
CA GLY B 283 -13.67 -17.15 13.33
C GLY B 283 -13.86 -16.17 12.19
N VAL B 284 -12.76 -15.59 11.70
CA VAL B 284 -12.84 -14.67 10.57
C VAL B 284 -11.81 -15.10 9.53
N LEU B 285 -12.06 -14.75 8.28
CA LEU B 285 -11.17 -15.13 7.20
C LEU B 285 -9.72 -14.70 7.39
N THR B 286 -9.51 -13.56 8.04
CA THR B 286 -8.15 -13.04 8.24
C THR B 286 -7.39 -13.52 9.47
N THR B 287 -7.98 -14.42 10.24
CA THR B 287 -7.32 -14.90 11.46
C THR B 287 -5.98 -15.59 11.21
N SER B 288 -5.95 -16.57 10.32
CA SER B 288 -4.70 -17.27 10.05
C SER B 288 -3.66 -16.34 9.43
N CYS B 289 -4.04 -15.65 8.36
CA CYS B 289 -3.14 -14.73 7.69
C CYS B 289 -2.68 -13.60 8.62
N GLY B 290 -3.63 -13.05 9.38
CA GLY B 290 -3.33 -11.97 10.30
C GLY B 290 -2.37 -12.35 11.40
N ASN B 291 -2.58 -13.54 11.97
CA ASN B 291 -1.70 -14.00 13.04
C ASN B 291 -0.31 -14.29 12.49
N THR B 292 -0.25 -14.92 11.32
CA THR B 292 1.04 -15.23 10.72
C THR B 292 1.86 -13.96 10.51
N LEU B 293 1.27 -12.96 9.86
CA LEU B 293 1.96 -11.70 9.60
C LEU B 293 2.37 -10.98 10.88
N THR B 294 1.50 -10.97 11.86
CA THR B 294 1.80 -10.31 13.12
C THR B 294 2.90 -11.04 13.89
N CYS B 295 2.78 -12.36 13.99
CA CYS B 295 3.79 -13.15 14.69
C CYS B 295 5.15 -12.91 14.04
N TYR B 296 5.21 -13.14 12.73
CA TYR B 296 6.41 -12.94 11.94
C TYR B 296 6.99 -11.53 12.12
N LEU B 297 6.12 -10.53 12.05
CA LEU B 297 6.55 -9.15 12.22
C LEU B 297 7.20 -8.94 13.60
N LYS B 298 6.52 -9.40 14.64
CA LYS B 298 7.05 -9.26 15.98
C LYS B 298 8.32 -10.09 16.20
N ALA B 299 8.28 -11.36 15.80
CA ALA B 299 9.43 -12.24 15.96
C ALA B 299 10.65 -11.68 15.22
N THR B 300 10.50 -11.40 13.94
CA THR B 300 11.59 -10.87 13.13
C THR B 300 12.23 -9.60 13.74
N ALA B 301 11.40 -8.73 14.30
CA ALA B 301 11.90 -7.52 14.92
C ALA B 301 12.52 -7.83 16.28
N ALA B 302 11.96 -8.81 16.98
CA ALA B 302 12.47 -9.19 18.29
C ALA B 302 13.89 -9.74 18.16
N CYS B 303 14.15 -10.46 17.07
CA CYS B 303 15.49 -11.01 16.85
C CYS B 303 16.52 -9.90 16.83
N ARG B 304 16.22 -8.84 16.09
CA ARG B 304 17.12 -7.70 15.98
C ARG B 304 17.34 -7.03 17.32
N ALA B 305 16.30 -7.03 18.16
CA ALA B 305 16.40 -6.43 19.48
C ALA B 305 17.30 -7.30 20.34
N ALA B 306 17.05 -8.61 20.30
CA ALA B 306 17.82 -9.56 21.08
C ALA B 306 19.18 -9.83 20.46
N LYS B 307 19.38 -9.30 19.25
CA LYS B 307 20.64 -9.49 18.54
C LYS B 307 20.99 -10.96 18.34
N LEU B 308 20.05 -11.73 17.81
CA LEU B 308 20.27 -13.14 17.52
C LEU B 308 20.92 -13.18 16.15
N GLN B 309 21.76 -14.17 15.88
CA GLN B 309 22.46 -14.27 14.60
C GLN B 309 21.79 -15.13 13.54
N ASP B 310 21.73 -14.60 12.32
CA ASP B 310 21.14 -15.28 11.18
C ASP B 310 19.87 -16.03 11.51
N CYS B 311 18.85 -15.28 11.93
CA CYS B 311 17.57 -15.87 12.28
C CYS B 311 16.70 -16.20 11.07
N THR B 312 16.20 -17.42 11.04
CA THR B 312 15.32 -17.87 9.97
C THR B 312 14.05 -18.33 10.67
N MET B 313 12.92 -17.73 10.30
CA MET B 313 11.63 -18.06 10.89
C MET B 313 10.86 -19.06 10.05
N LEU B 314 9.85 -19.65 10.67
CA LEU B 314 8.94 -20.57 10.03
C LEU B 314 7.68 -20.32 10.84
N VAL B 315 6.75 -19.56 10.26
CA VAL B 315 5.53 -19.21 10.98
C VAL B 315 4.29 -19.83 10.38
N ASN B 316 3.40 -20.28 11.27
CA ASN B 316 2.13 -20.88 10.89
C ASN B 316 1.10 -20.30 11.85
N GLY B 317 0.47 -19.20 11.47
CA GLY B 317 -0.49 -18.58 12.35
C GLY B 317 0.27 -18.09 13.57
N ASP B 318 -0.15 -18.51 14.75
CA ASP B 318 0.50 -18.09 16.00
C ASP B 318 1.65 -19.02 16.37
N ASP B 319 1.84 -20.06 15.56
CA ASP B 319 2.89 -21.04 15.80
C ASP B 319 4.21 -20.60 15.17
N LEU B 320 5.22 -20.42 16.02
CA LEU B 320 6.52 -19.95 15.56
C LEU B 320 7.74 -20.80 15.97
N VAL B 321 8.65 -21.00 15.04
CA VAL B 321 9.87 -21.75 15.30
C VAL B 321 11.05 -20.98 14.70
N VAL B 322 12.06 -20.72 15.52
CA VAL B 322 13.23 -19.96 15.08
C VAL B 322 14.48 -20.82 15.07
N ILE B 323 15.24 -20.73 13.98
CA ILE B 323 16.48 -21.47 13.83
C ILE B 323 17.54 -20.44 13.46
N CYS B 324 18.59 -20.34 14.28
CA CYS B 324 19.63 -19.37 14.02
C CYS B 324 21.04 -19.89 14.25
N GLU B 325 21.99 -18.95 14.34
CA GLU B 325 23.39 -19.26 14.55
C GLU B 325 23.68 -19.16 16.04
N SER B 326 24.37 -20.17 16.59
CA SER B 326 24.69 -20.18 18.00
C SER B 326 25.94 -19.37 18.30
N ALA B 327 26.00 -18.79 19.49
CA ALA B 327 27.12 -17.98 19.93
C ALA B 327 27.56 -18.41 21.32
N GLY B 328 27.20 -19.64 21.70
CA GLY B 328 27.57 -20.14 23.00
C GLY B 328 26.34 -20.43 23.85
N THR B 329 26.44 -21.43 24.72
CA THR B 329 25.33 -21.80 25.58
C THR B 329 24.88 -20.62 26.43
N GLN B 330 25.84 -19.88 26.96
CA GLN B 330 25.54 -18.73 27.81
C GLN B 330 24.99 -17.57 26.98
N GLU B 331 25.64 -17.30 25.86
CA GLU B 331 25.22 -16.21 24.98
C GLU B 331 23.82 -16.41 24.42
N ASP B 332 23.51 -17.64 23.98
CA ASP B 332 22.19 -17.92 23.42
C ASP B 332 21.11 -17.80 24.49
N ALA B 333 21.32 -18.45 25.63
CA ALA B 333 20.36 -18.41 26.72
C ALA B 333 20.05 -16.95 27.07
N ALA B 334 21.06 -16.09 26.95
CA ALA B 334 20.91 -14.68 27.27
C ALA B 334 20.16 -13.92 26.18
N ALA B 335 20.47 -14.23 24.93
CA ALA B 335 19.82 -13.58 23.80
C ALA B 335 18.35 -13.99 23.77
N LEU B 336 18.10 -15.28 24.00
CA LEU B 336 16.74 -15.77 23.99
C LEU B 336 15.89 -15.04 25.03
N ARG B 337 16.49 -14.75 26.18
CA ARG B 337 15.76 -14.03 27.22
C ARG B 337 15.45 -12.63 26.71
N ALA B 338 16.40 -12.04 25.98
CA ALA B 338 16.22 -10.71 25.42
C ALA B 338 15.11 -10.77 24.39
N PHE B 339 15.08 -11.85 23.61
CA PHE B 339 14.07 -12.07 22.58
C PHE B 339 12.69 -12.04 23.23
N THR B 340 12.54 -12.86 24.28
CA THR B 340 11.28 -12.94 25.01
C THR B 340 10.84 -11.59 25.53
N GLU B 341 11.79 -10.79 25.99
CA GLU B 341 11.48 -9.47 26.53
C GLU B 341 10.95 -8.57 25.43
N ALA B 342 11.58 -8.63 24.26
CA ALA B 342 11.15 -7.82 23.12
C ALA B 342 9.72 -8.23 22.73
N MET B 343 9.52 -9.53 22.54
CA MET B 343 8.19 -10.03 22.17
C MET B 343 7.17 -9.53 23.17
N THR B 344 7.51 -9.63 24.45
CA THR B 344 6.62 -9.20 25.51
C THR B 344 6.28 -7.73 25.34
N ARG B 345 7.27 -6.93 24.94
CA ARG B 345 7.03 -5.51 24.75
C ARG B 345 6.08 -5.29 23.59
N TYR B 346 6.21 -6.12 22.56
CA TYR B 346 5.36 -6.03 21.37
C TYR B 346 4.00 -6.65 21.65
N SER B 347 3.76 -6.98 22.91
CA SER B 347 2.49 -7.59 23.32
C SER B 347 2.36 -9.02 22.82
N ALA B 348 3.33 -9.85 23.14
CA ALA B 348 3.33 -11.26 22.76
C ALA B 348 4.17 -12.03 23.77
N PRO B 349 3.74 -12.00 25.05
CA PRO B 349 4.41 -12.69 26.14
C PRO B 349 4.37 -14.21 25.96
N PRO B 350 5.36 -14.92 26.50
CA PRO B 350 5.41 -16.37 26.36
C PRO B 350 4.43 -17.12 27.27
N GLY B 351 4.00 -18.29 26.81
CA GLY B 351 3.10 -19.10 27.62
C GLY B 351 4.04 -19.97 28.42
N ASP B 352 4.92 -20.68 27.70
CA ASP B 352 5.93 -21.53 28.33
C ASP B 352 7.26 -20.88 27.94
N PRO B 353 8.09 -20.56 28.93
CA PRO B 353 9.38 -19.95 28.60
C PRO B 353 10.13 -20.77 27.57
N PRO B 354 10.60 -20.13 26.50
CA PRO B 354 11.33 -20.83 25.44
C PRO B 354 12.71 -21.25 25.89
N GLN B 355 13.09 -22.48 25.57
CA GLN B 355 14.42 -22.99 25.94
C GLN B 355 15.12 -23.40 24.66
N PRO B 356 16.35 -22.90 24.47
CA PRO B 356 17.11 -23.24 23.26
C PRO B 356 17.36 -24.74 23.11
N GLU B 357 17.39 -25.18 21.87
CA GLU B 357 17.63 -26.59 21.55
C GLU B 357 18.76 -26.63 20.54
N TYR B 358 19.58 -27.67 20.63
CA TYR B 358 20.70 -27.82 19.72
C TYR B 358 20.52 -29.13 18.96
N ASP B 359 19.38 -29.76 19.20
CA ASP B 359 19.01 -31.02 18.55
C ASP B 359 17.71 -30.73 17.79
N LEU B 360 17.76 -30.84 16.46
CA LEU B 360 16.59 -30.58 15.62
C LEU B 360 15.35 -31.39 15.97
N GLU B 361 15.54 -32.67 16.29
CA GLU B 361 14.42 -33.55 16.63
C GLU B 361 13.69 -33.14 17.90
N LEU B 362 14.34 -32.34 18.74
CA LEU B 362 13.72 -31.91 20.00
C LEU B 362 12.82 -30.70 19.86
N ILE B 363 12.95 -29.99 18.73
CA ILE B 363 12.15 -28.80 18.48
C ILE B 363 10.72 -29.15 18.06
N THR B 364 9.75 -28.67 18.82
CA THR B 364 8.35 -28.95 18.53
C THR B 364 7.58 -27.71 18.04
N SER B 365 7.23 -27.72 16.76
CA SER B 365 6.48 -26.61 16.16
C SER B 365 5.23 -27.18 15.48
N CYS B 366 4.09 -26.53 15.69
CA CYS B 366 2.83 -27.00 15.12
C CYS B 366 2.47 -28.33 15.80
N SER B 367 2.93 -28.49 17.02
CA SER B 367 2.69 -29.71 17.78
C SER B 367 3.39 -30.87 17.09
N SER B 368 4.25 -30.54 16.14
CA SER B 368 4.99 -31.54 15.36
C SER B 368 6.49 -31.38 15.54
N ASN B 369 7.24 -32.39 15.12
CA ASN B 369 8.69 -32.36 15.21
C ASN B 369 9.27 -33.27 14.15
N VAL B 370 10.53 -33.03 13.79
CA VAL B 370 11.19 -33.86 12.79
C VAL B 370 11.79 -35.07 13.48
N SER B 371 11.78 -36.20 12.77
CA SER B 371 12.35 -37.44 13.29
C SER B 371 12.83 -38.23 12.10
N VAL B 372 13.68 -39.22 12.34
CA VAL B 372 14.21 -40.02 11.24
C VAL B 372 13.78 -41.47 11.31
N ALA B 373 13.89 -42.15 10.16
CA ALA B 373 13.53 -43.56 10.04
C ALA B 373 14.26 -44.09 8.81
N HIS B 374 14.11 -45.39 8.54
CA HIS B 374 14.78 -45.98 7.40
C HIS B 374 13.79 -46.70 6.49
N ASP B 375 14.05 -46.63 5.19
CA ASP B 375 13.18 -47.26 4.19
C ASP B 375 13.66 -48.66 3.82
N ALA B 376 13.13 -49.16 2.70
CA ALA B 376 13.46 -50.49 2.20
C ALA B 376 14.97 -50.68 2.01
N SER B 377 15.59 -49.78 1.26
CA SER B 377 17.03 -49.86 1.02
C SER B 377 17.79 -49.62 2.32
N GLY B 378 17.04 -49.30 3.38
CA GLY B 378 17.64 -49.04 4.67
C GLY B 378 18.13 -47.62 4.81
N LYS B 379 18.10 -46.88 3.70
CA LYS B 379 18.55 -45.49 3.68
C LYS B 379 17.81 -44.63 4.72
N ARG B 380 18.46 -43.55 5.15
CA ARG B 380 17.86 -42.64 6.14
C ARG B 380 16.91 -41.67 5.44
N VAL B 381 15.67 -41.63 5.94
CA VAL B 381 14.67 -40.73 5.37
C VAL B 381 14.06 -39.88 6.47
N TYR B 382 13.88 -38.58 6.17
CA TYR B 382 13.30 -37.64 7.12
C TYR B 382 11.79 -37.52 6.98
N TYR B 383 11.11 -37.40 8.12
CA TYR B 383 9.65 -37.26 8.12
C TYR B 383 9.20 -36.41 9.31
N LEU B 384 7.92 -36.03 9.30
CA LEU B 384 7.35 -35.22 10.37
C LEU B 384 6.42 -36.06 11.22
N THR B 385 6.53 -35.95 12.53
CA THR B 385 5.68 -36.71 13.44
C THR B 385 5.26 -35.84 14.62
N ARG B 386 4.41 -36.40 15.48
CA ARG B 386 3.93 -35.70 16.65
C ARG B 386 3.49 -36.71 17.72
N ASP B 387 3.23 -36.22 18.93
CA ASP B 387 2.78 -37.11 19.98
C ASP B 387 1.39 -37.58 19.56
N PRO B 388 1.21 -38.89 19.41
CA PRO B 388 -0.06 -39.52 18.99
C PRO B 388 -1.23 -39.49 19.98
N THR B 389 -1.03 -38.91 21.15
CA THR B 389 -2.08 -38.86 22.16
C THR B 389 -3.41 -38.29 21.70
N THR B 390 -3.42 -37.02 21.26
CA THR B 390 -4.65 -36.39 20.80
C THR B 390 -5.23 -37.05 19.54
N PRO B 391 -4.40 -37.28 18.51
CA PRO B 391 -4.93 -37.91 17.30
C PRO B 391 -5.72 -39.19 17.65
N LEU B 392 -5.11 -40.05 18.45
CA LEU B 392 -5.75 -41.31 18.84
C LEU B 392 -6.99 -41.08 19.70
N ALA B 393 -6.92 -40.12 20.62
CA ALA B 393 -8.05 -39.83 21.48
C ALA B 393 -9.25 -39.41 20.62
N ARG B 394 -8.98 -38.59 19.60
CA ARG B 394 -10.04 -38.13 18.71
C ARG B 394 -10.48 -39.28 17.82
N ALA B 395 -9.55 -40.21 17.55
CA ALA B 395 -9.87 -41.37 16.73
C ALA B 395 -10.96 -42.17 17.43
N ALA B 396 -10.71 -42.50 18.70
CA ALA B 396 -11.65 -43.27 19.50
C ALA B 396 -13.01 -42.58 19.58
N TRP B 397 -12.98 -41.25 19.65
CA TRP B 397 -14.21 -40.47 19.75
C TRP B 397 -15.04 -40.52 18.47
N GLU B 398 -14.38 -40.43 17.31
CA GLU B 398 -15.07 -40.44 16.03
C GLU B 398 -15.59 -41.83 15.69
N THR B 399 -15.14 -42.83 16.44
CA THR B 399 -15.60 -44.19 16.21
C THR B 399 -16.89 -44.39 16.99
N ALA B 400 -16.86 -44.05 18.27
CA ALA B 400 -18.02 -44.19 19.13
C ALA B 400 -19.16 -43.28 18.71
N ARG B 401 -18.83 -42.02 18.43
CA ARG B 401 -19.83 -41.04 18.02
C ARG B 401 -19.66 -40.62 16.57
N HIS B 402 -20.62 -39.86 16.06
CA HIS B 402 -20.58 -39.39 14.68
C HIS B 402 -20.20 -37.91 14.63
N THR B 403 -19.15 -37.62 13.85
CA THR B 403 -18.68 -36.25 13.70
C THR B 403 -18.58 -35.87 12.22
N PRO B 404 -18.95 -34.62 11.90
CA PRO B 404 -18.92 -34.11 10.52
C PRO B 404 -17.54 -34.31 9.89
N ILE B 405 -16.54 -33.69 10.51
CA ILE B 405 -15.16 -33.80 10.03
C ILE B 405 -14.51 -35.03 10.66
N ASN B 406 -13.63 -35.68 9.91
CA ASN B 406 -12.93 -36.87 10.37
C ASN B 406 -11.46 -36.52 10.53
N SER B 407 -11.04 -36.29 11.77
CA SER B 407 -9.67 -35.95 12.07
C SER B 407 -8.69 -37.09 11.79
N TRP B 408 -9.15 -38.33 11.86
CA TRP B 408 -8.28 -39.47 11.62
C TRP B 408 -7.78 -39.50 10.18
N LEU B 409 -8.68 -39.22 9.23
CA LEU B 409 -8.31 -39.22 7.83
C LEU B 409 -7.27 -38.13 7.58
N GLY B 410 -7.45 -36.98 8.23
CA GLY B 410 -6.51 -35.89 8.07
C GLY B 410 -5.16 -36.28 8.65
N ASN B 411 -5.18 -36.86 9.85
CA ASN B 411 -3.96 -37.30 10.50
C ASN B 411 -3.25 -38.39 9.69
N ILE B 412 -4.04 -39.31 9.14
CA ILE B 412 -3.48 -40.38 8.33
C ILE B 412 -2.78 -39.83 7.08
N ILE B 413 -3.28 -38.72 6.56
CA ILE B 413 -2.69 -38.11 5.37
C ILE B 413 -1.45 -37.30 5.68
N MET B 414 -1.52 -36.48 6.73
CA MET B 414 -0.38 -35.65 7.11
C MET B 414 0.75 -36.43 7.78
N TYR B 415 0.40 -37.47 8.54
CA TYR B 415 1.39 -38.27 9.24
C TYR B 415 1.46 -39.70 8.72
N ALA B 416 1.16 -39.89 7.44
CA ALA B 416 1.17 -41.20 6.80
C ALA B 416 2.41 -42.05 7.12
N PRO B 417 3.61 -41.46 7.06
CA PRO B 417 4.82 -42.24 7.35
C PRO B 417 5.13 -42.51 8.83
N THR B 418 4.26 -42.06 9.73
CA THR B 418 4.51 -42.28 11.16
C THR B 418 4.07 -43.65 11.66
N LEU B 419 4.86 -44.19 12.57
CA LEU B 419 4.63 -45.49 13.18
C LEU B 419 3.18 -45.66 13.65
N TRP B 420 2.72 -44.74 14.50
CA TRP B 420 1.38 -44.80 15.06
C TRP B 420 0.22 -44.71 14.06
N ALA B 421 0.39 -43.90 13.01
CA ALA B 421 -0.66 -43.73 12.01
C ALA B 421 -0.84 -44.99 11.16
N ARG B 422 0.28 -45.60 10.78
CA ARG B 422 0.25 -46.81 9.97
C ARG B 422 -0.29 -48.00 10.77
N MET B 423 0.23 -48.16 11.98
CA MET B 423 -0.16 -49.26 12.85
C MET B 423 -1.58 -49.23 13.39
N ILE B 424 -1.95 -48.13 14.03
CA ILE B 424 -3.28 -48.00 14.60
C ILE B 424 -4.33 -47.39 13.68
N LEU B 425 -4.17 -46.10 13.37
CA LEU B 425 -5.13 -45.39 12.52
C LEU B 425 -5.53 -46.05 11.21
N MET B 426 -4.56 -46.41 10.39
CA MET B 426 -4.89 -47.04 9.11
C MET B 426 -5.65 -48.34 9.33
N THR B 427 -5.10 -49.20 10.19
CA THR B 427 -5.70 -50.49 10.49
C THR B 427 -7.13 -50.35 11.03
N HIS B 428 -7.26 -49.65 12.15
CA HIS B 428 -8.55 -49.45 12.80
C HIS B 428 -9.70 -48.99 11.90
N PHE B 429 -9.48 -47.92 11.15
CA PHE B 429 -10.52 -47.37 10.29
C PHE B 429 -10.80 -48.11 8.98
N PHE B 430 -9.77 -48.59 8.29
CA PHE B 430 -10.00 -49.33 7.06
C PHE B 430 -10.81 -50.57 7.43
N SER B 431 -10.51 -51.12 8.60
CA SER B 431 -11.21 -52.30 9.09
C SER B 431 -12.69 -51.99 9.30
N ILE B 432 -12.98 -50.78 9.77
CA ILE B 432 -14.35 -50.36 10.01
C ILE B 432 -15.12 -50.05 8.73
N LEU B 433 -14.44 -49.45 7.76
CA LEU B 433 -15.08 -49.10 6.49
C LEU B 433 -15.45 -50.35 5.69
N LEU B 434 -14.92 -51.50 6.11
CA LEU B 434 -15.22 -52.76 5.45
C LEU B 434 -16.43 -53.43 6.09
N ALA B 435 -16.48 -53.40 7.42
CA ALA B 435 -17.60 -54.00 8.15
C ALA B 435 -18.91 -53.31 7.79
N GLN B 436 -18.81 -52.13 7.18
CA GLN B 436 -19.99 -51.38 6.76
C GLN B 436 -19.94 -51.12 5.26
N GLU B 437 -18.85 -51.56 4.64
CA GLU B 437 -18.67 -51.39 3.20
C GLU B 437 -18.91 -49.94 2.80
N GLN B 438 -18.05 -49.04 3.28
CA GLN B 438 -18.18 -47.63 2.97
C GLN B 438 -16.86 -47.04 2.48
N LEU B 439 -16.03 -47.88 1.87
CA LEU B 439 -14.75 -47.45 1.34
C LEU B 439 -14.97 -46.56 0.13
N GLU B 440 -16.12 -46.75 -0.52
CA GLU B 440 -16.48 -45.97 -1.70
C GLU B 440 -16.82 -44.53 -1.38
N LYS B 441 -17.62 -44.33 -0.33
CA LYS B 441 -18.03 -42.99 0.08
C LYS B 441 -16.85 -42.08 0.46
N ALA B 442 -16.98 -40.80 0.13
CA ALA B 442 -15.95 -39.81 0.44
C ALA B 442 -16.25 -39.19 1.80
N LEU B 443 -15.20 -38.82 2.52
CA LEU B 443 -15.35 -38.21 3.84
C LEU B 443 -14.63 -36.86 3.90
N ASP B 444 -15.12 -35.97 4.76
CA ASP B 444 -14.51 -34.66 4.91
C ASP B 444 -13.42 -34.69 5.98
N CYS B 445 -12.43 -33.83 5.80
CA CYS B 445 -11.32 -33.70 6.75
C CYS B 445 -10.73 -32.32 6.50
N GLN B 446 -9.79 -31.90 7.33
CA GLN B 446 -9.20 -30.58 7.13
C GLN B 446 -7.68 -30.61 6.99
N ILE B 447 -7.18 -29.68 6.20
CA ILE B 447 -5.75 -29.53 5.96
C ILE B 447 -5.50 -28.03 6.01
N TYR B 448 -4.88 -27.59 7.10
CA TYR B 448 -4.58 -26.18 7.31
C TYR B 448 -5.86 -25.35 7.41
N GLY B 449 -6.84 -25.89 8.13
CA GLY B 449 -8.10 -25.19 8.32
C GLY B 449 -9.14 -25.39 7.23
N ALA B 450 -8.70 -25.64 6.01
CA ALA B 450 -9.63 -25.83 4.89
C ALA B 450 -10.23 -27.24 4.88
N CYS B 451 -11.50 -27.32 4.52
CA CYS B 451 -12.20 -28.60 4.46
C CYS B 451 -12.01 -29.22 3.08
N TYR B 452 -11.92 -30.55 3.04
CA TYR B 452 -11.73 -31.28 1.80
C TYR B 452 -12.56 -32.57 1.82
N SER B 453 -13.00 -32.99 0.64
CA SER B 453 -13.78 -34.22 0.52
C SER B 453 -12.83 -35.25 -0.07
N ILE B 454 -12.47 -36.26 0.72
CA ILE B 454 -11.54 -37.28 0.27
C ILE B 454 -12.08 -38.70 0.33
N GLU B 455 -11.67 -39.50 -0.65
CA GLU B 455 -12.08 -40.90 -0.72
C GLU B 455 -10.95 -41.74 -0.15
N PRO B 456 -11.26 -42.59 0.85
CA PRO B 456 -10.26 -43.44 1.49
C PRO B 456 -9.41 -44.25 0.51
N LEU B 457 -10.07 -44.85 -0.49
CA LEU B 457 -9.39 -45.67 -1.49
C LEU B 457 -8.37 -44.90 -2.32
N ASP B 458 -8.29 -43.59 -2.12
CA ASP B 458 -7.34 -42.77 -2.86
C ASP B 458 -6.08 -42.48 -2.06
N LEU B 459 -6.06 -42.95 -0.82
CA LEU B 459 -4.93 -42.72 0.07
C LEU B 459 -3.56 -43.17 -0.45
N PRO B 460 -3.48 -44.36 -1.05
CA PRO B 460 -2.19 -44.82 -1.56
C PRO B 460 -1.54 -43.82 -2.52
N GLN B 461 -2.34 -43.25 -3.41
CA GLN B 461 -1.85 -42.28 -4.38
C GLN B 461 -1.46 -40.98 -3.69
N ILE B 462 -2.32 -40.50 -2.80
CA ILE B 462 -2.08 -39.27 -2.07
C ILE B 462 -0.80 -39.36 -1.24
N ILE B 463 -0.72 -40.40 -0.41
CA ILE B 463 0.44 -40.61 0.45
C ILE B 463 1.74 -40.69 -0.33
N GLU B 464 1.70 -41.35 -1.47
CA GLU B 464 2.90 -41.49 -2.30
C GLU B 464 3.33 -40.14 -2.86
N ARG B 465 2.36 -39.37 -3.33
CA ARG B 465 2.63 -38.06 -3.91
C ARG B 465 3.20 -37.09 -2.88
N LEU B 466 2.58 -37.05 -1.71
CA LEU B 466 3.01 -36.14 -0.65
C LEU B 466 4.29 -36.56 0.09
N HIS B 467 4.32 -37.79 0.58
CA HIS B 467 5.46 -38.29 1.35
C HIS B 467 6.48 -39.10 0.56
N GLY B 468 6.03 -39.76 -0.51
CA GLY B 468 6.94 -40.57 -1.31
C GLY B 468 6.69 -42.05 -1.10
N LEU B 469 7.36 -42.88 -1.90
CA LEU B 469 7.21 -44.33 -1.79
C LEU B 469 7.64 -44.86 -0.42
N SER B 470 8.77 -44.36 0.07
CA SER B 470 9.32 -44.79 1.35
C SER B 470 8.31 -44.80 2.50
N ALA B 471 7.20 -44.07 2.33
CA ALA B 471 6.17 -43.99 3.36
C ALA B 471 5.53 -45.34 3.66
N PHE B 472 5.61 -46.27 2.70
CA PHE B 472 5.03 -47.59 2.85
C PHE B 472 6.08 -48.62 3.26
N THR B 473 7.35 -48.22 3.20
CA THR B 473 8.46 -49.11 3.55
C THR B 473 9.36 -48.59 4.68
N LEU B 474 8.78 -47.96 5.70
CA LEU B 474 9.61 -47.46 6.80
C LEU B 474 9.70 -48.41 7.99
N HIS B 475 10.85 -48.36 8.66
CA HIS B 475 11.13 -49.20 9.82
C HIS B 475 12.37 -48.64 10.49
N SER B 476 12.69 -49.16 11.68
CA SER B 476 13.86 -48.71 12.43
C SER B 476 13.69 -47.26 12.86
N TYR B 477 12.60 -46.98 13.58
CA TYR B 477 12.33 -45.64 14.06
C TYR B 477 13.24 -45.30 15.22
N SER B 478 13.39 -43.99 15.48
CA SER B 478 14.24 -43.52 16.57
C SER B 478 13.70 -43.94 17.93
N PRO B 479 14.58 -44.01 18.93
CA PRO B 479 14.23 -44.39 20.31
C PRO B 479 13.22 -43.44 20.93
N GLY B 480 13.43 -42.14 20.74
CA GLY B 480 12.52 -41.15 21.29
C GLY B 480 11.11 -41.34 20.77
N GLU B 481 11.02 -41.55 19.45
CA GLU B 481 9.73 -41.77 18.79
C GLU B 481 9.05 -43.01 19.36
N ILE B 482 9.77 -44.13 19.33
CA ILE B 482 9.27 -45.40 19.85
C ILE B 482 8.83 -45.24 21.31
N ASN B 483 9.63 -44.54 22.09
CA ASN B 483 9.30 -44.32 23.50
C ASN B 483 7.98 -43.58 23.65
N ARG B 484 7.86 -42.44 22.99
CA ARG B 484 6.66 -41.63 23.06
C ARG B 484 5.42 -42.42 22.63
N VAL B 485 5.55 -43.18 21.55
CA VAL B 485 4.43 -43.98 21.06
C VAL B 485 4.02 -45.03 22.10
N ALA B 486 4.98 -45.84 22.53
CA ALA B 486 4.73 -46.89 23.51
C ALA B 486 4.08 -46.35 24.78
N SER B 487 4.63 -45.26 25.31
CA SER B 487 4.11 -44.64 26.53
C SER B 487 2.67 -44.16 26.36
N CYS B 488 2.35 -43.68 25.16
CA CYS B 488 1.01 -43.19 24.86
C CYS B 488 -0.01 -44.33 24.85
N LEU B 489 0.33 -45.41 24.15
CA LEU B 489 -0.54 -46.58 24.07
C LEU B 489 -0.79 -47.12 25.48
N ARG B 490 0.25 -47.12 26.31
CA ARG B 490 0.13 -47.59 27.68
C ARG B 490 -0.86 -46.71 28.43
N LYS B 491 -0.67 -45.40 28.28
CA LYS B 491 -1.51 -44.41 28.96
C LYS B 491 -2.97 -44.51 28.53
N LEU B 492 -3.21 -44.86 27.26
CA LEU B 492 -4.57 -44.96 26.74
C LEU B 492 -5.18 -46.35 26.79
N GLY B 493 -4.34 -47.37 26.96
CA GLY B 493 -4.84 -48.72 27.02
C GLY B 493 -5.16 -49.25 25.63
N VAL B 494 -4.31 -48.92 24.67
CA VAL B 494 -4.49 -49.35 23.30
C VAL B 494 -3.85 -50.73 23.13
N PRO B 495 -4.43 -51.58 22.26
CA PRO B 495 -3.87 -52.92 22.04
C PRO B 495 -2.40 -52.85 21.59
N PRO B 496 -1.62 -53.90 21.89
CA PRO B 496 -0.20 -53.99 21.53
C PRO B 496 -0.01 -54.26 20.05
N LEU B 497 1.20 -54.06 19.55
CA LEU B 497 1.50 -54.30 18.14
C LEU B 497 0.95 -55.65 17.69
N ARG B 498 0.96 -56.61 18.60
CA ARG B 498 0.46 -57.96 18.34
C ARG B 498 -0.91 -57.91 17.67
N THR B 499 -1.88 -57.36 18.39
CA THR B 499 -3.25 -57.24 17.91
C THR B 499 -3.41 -56.50 16.58
N TRP B 500 -2.70 -55.38 16.44
CA TRP B 500 -2.80 -54.60 15.21
C TRP B 500 -2.22 -55.30 13.99
N ARG B 501 -1.04 -55.89 14.14
CA ARG B 501 -0.41 -56.60 13.02
C ARG B 501 -1.37 -57.70 12.56
N HIS B 502 -2.09 -58.26 13.52
CA HIS B 502 -3.05 -59.33 13.28
C HIS B 502 -4.26 -58.78 12.53
N ARG B 503 -4.83 -57.70 13.07
CA ARG B 503 -5.99 -57.05 12.47
C ARG B 503 -5.68 -56.53 11.07
N ALA B 504 -4.46 -56.05 10.88
CA ALA B 504 -4.03 -55.50 9.60
C ALA B 504 -4.07 -56.57 8.50
N ARG B 505 -3.63 -57.77 8.83
CA ARG B 505 -3.61 -58.88 7.89
C ARG B 505 -5.03 -59.21 7.46
N SER B 506 -5.92 -59.37 8.44
CA SER B 506 -7.32 -59.68 8.16
C SER B 506 -7.93 -58.65 7.21
N VAL B 507 -7.60 -57.39 7.45
CA VAL B 507 -8.11 -56.28 6.63
C VAL B 507 -7.45 -56.29 5.25
N ARG B 508 -6.13 -56.46 5.22
CA ARG B 508 -5.39 -56.49 3.97
C ARG B 508 -5.89 -57.62 3.07
N ALA B 509 -6.26 -58.74 3.69
CA ALA B 509 -6.77 -59.88 2.95
C ALA B 509 -8.09 -59.51 2.30
N LYS B 510 -9.06 -59.12 3.12
CA LYS B 510 -10.38 -58.73 2.63
C LYS B 510 -10.30 -57.67 1.54
N LEU B 511 -9.28 -56.82 1.62
CA LEU B 511 -9.10 -55.75 0.64
C LEU B 511 -8.60 -56.30 -0.69
N LEU B 512 -7.50 -57.05 -0.66
CA LEU B 512 -6.95 -57.62 -1.89
C LEU B 512 -7.99 -58.47 -2.61
N SER B 513 -8.80 -59.19 -1.84
CA SER B 513 -9.84 -60.05 -2.41
C SER B 513 -10.94 -59.25 -3.11
N GLN B 514 -10.81 -57.93 -3.11
CA GLN B 514 -11.79 -57.06 -3.76
C GLN B 514 -11.17 -56.43 -5.00
N GLY B 515 -9.85 -56.53 -5.11
CA GLY B 515 -9.17 -55.95 -6.26
C GLY B 515 -9.43 -54.46 -6.39
N GLY B 516 -9.12 -53.91 -7.56
CA GLY B 516 -9.33 -52.49 -7.79
C GLY B 516 -8.53 -51.61 -6.85
N ARG B 517 -9.13 -50.51 -6.41
CA ARG B 517 -8.44 -49.60 -5.50
C ARG B 517 -8.36 -50.22 -4.11
N ALA B 518 -9.38 -50.99 -3.75
CA ALA B 518 -9.42 -51.65 -2.46
C ALA B 518 -8.17 -52.50 -2.26
N ALA B 519 -7.72 -53.13 -3.35
CA ALA B 519 -6.54 -53.98 -3.32
C ALA B 519 -5.25 -53.18 -3.24
N THR B 520 -5.17 -52.11 -4.02
CA THR B 520 -3.99 -51.27 -4.03
C THR B 520 -3.71 -50.73 -2.62
N CYS B 521 -4.78 -50.49 -1.87
CA CYS B 521 -4.66 -49.99 -0.50
C CYS B 521 -4.04 -51.06 0.39
N GLY B 522 -4.71 -52.21 0.48
CA GLY B 522 -4.21 -53.29 1.31
C GLY B 522 -2.82 -53.72 0.88
N ARG B 523 -2.46 -53.42 -0.37
CA ARG B 523 -1.16 -53.80 -0.91
C ARG B 523 -0.05 -52.86 -0.42
N TYR B 524 -0.30 -51.55 -0.49
CA TYR B 524 0.69 -50.56 -0.06
C TYR B 524 0.57 -50.14 1.40
N LEU B 525 -0.66 -49.86 1.84
CA LEU B 525 -0.90 -49.41 3.21
C LEU B 525 -0.44 -50.41 4.28
N PHE B 526 -0.87 -51.66 4.15
CA PHE B 526 -0.51 -52.68 5.13
C PHE B 526 0.57 -53.65 4.66
N ASN B 527 1.63 -53.12 4.07
CA ASN B 527 2.72 -53.95 3.59
C ASN B 527 3.57 -54.41 4.78
N TRP B 528 3.44 -53.69 5.90
CA TRP B 528 4.19 -53.99 7.11
C TRP B 528 3.62 -55.18 7.90
N ALA B 529 2.39 -55.59 7.59
CA ALA B 529 1.75 -56.69 8.30
C ALA B 529 2.12 -58.09 7.81
N VAL B 530 2.73 -58.18 6.64
CA VAL B 530 3.12 -59.48 6.07
C VAL B 530 4.57 -59.85 6.39
N ARG B 531 4.85 -61.16 6.47
CA ARG B 531 6.20 -61.64 6.76
C ARG B 531 7.12 -61.38 5.58
N THR B 532 6.69 -61.80 4.39
CA THR B 532 7.46 -61.62 3.18
C THR B 532 7.01 -60.34 2.46
N LYS B 533 7.56 -59.21 2.89
CA LYS B 533 7.24 -57.91 2.31
C LYS B 533 7.31 -57.89 0.79
N LEU B 534 6.28 -57.31 0.16
CA LEU B 534 6.23 -57.19 -1.29
C LEU B 534 7.09 -56.02 -1.74
N LYS B 535 7.58 -56.09 -2.97
CA LYS B 535 8.40 -55.03 -3.54
C LYS B 535 7.43 -53.98 -4.09
N LEU B 536 7.28 -52.87 -3.37
CA LEU B 536 6.35 -51.82 -3.81
C LEU B 536 6.94 -50.97 -4.92
N THR B 537 6.12 -50.74 -5.96
CA THR B 537 6.53 -49.94 -7.10
C THR B 537 5.67 -48.68 -7.13
N PRO B 538 6.19 -47.59 -7.70
CA PRO B 538 5.46 -46.32 -7.79
C PRO B 538 4.10 -46.45 -8.47
N ILE B 539 3.07 -45.91 -7.85
CA ILE B 539 1.71 -45.96 -8.41
C ILE B 539 1.61 -45.02 -9.60
N PRO B 540 0.91 -45.46 -10.66
CA PRO B 540 0.72 -44.66 -11.88
C PRO B 540 -0.20 -43.46 -11.68
N ALA B 541 -1.33 -43.68 -10.99
CA ALA B 541 -2.30 -42.63 -10.74
C ALA B 541 -1.89 -41.71 -9.59
N ALA B 542 -0.60 -41.50 -9.45
CA ALA B 542 -0.07 -40.64 -8.37
C ALA B 542 1.14 -39.84 -8.85
N SER B 543 1.50 -40.01 -10.11
CA SER B 543 2.63 -39.29 -10.69
C SER B 543 2.13 -38.03 -11.40
N GLN B 544 0.82 -37.95 -11.59
CA GLN B 544 0.19 -36.81 -12.25
C GLN B 544 -0.81 -36.11 -11.35
N LEU B 545 -0.83 -36.50 -10.07
CA LEU B 545 -1.74 -35.89 -9.10
C LEU B 545 -1.39 -34.43 -8.80
N ASP B 546 -2.42 -33.60 -8.71
CA ASP B 546 -2.25 -32.17 -8.43
C ASP B 546 -2.84 -31.82 -7.07
N LEU B 547 -2.04 -31.98 -6.02
CA LEU B 547 -2.49 -31.69 -4.66
C LEU B 547 -1.76 -30.47 -4.13
N SER B 548 -1.34 -29.59 -5.05
CA SER B 548 -0.63 -28.37 -4.69
C SER B 548 -1.54 -27.37 -3.98
N GLY B 549 -2.79 -27.29 -4.43
CA GLY B 549 -3.74 -26.37 -3.82
C GLY B 549 -4.06 -26.71 -2.38
N TRP B 550 -3.46 -27.79 -1.90
CA TRP B 550 -3.65 -28.25 -0.52
C TRP B 550 -2.73 -27.52 0.44
N PHE B 551 -1.57 -27.10 -0.05
CA PHE B 551 -0.59 -26.42 0.79
C PHE B 551 -0.20 -25.06 0.24
N VAL B 552 -1.19 -24.18 0.16
CA VAL B 552 -1.01 -22.81 -0.35
C VAL B 552 -1.00 -21.82 0.81
N ALA B 553 -2.02 -21.88 1.67
CA ALA B 553 -2.11 -20.99 2.81
C ALA B 553 -2.97 -21.60 3.92
N GLY B 554 -2.96 -20.96 5.08
CA GLY B 554 -3.75 -21.44 6.21
C GLY B 554 -5.14 -20.82 6.22
N TYR B 555 -6.12 -21.54 6.73
CA TYR B 555 -7.49 -21.04 6.78
C TYR B 555 -8.26 -21.40 8.06
N SER B 556 -7.55 -21.74 9.13
CA SER B 556 -8.21 -22.09 10.39
C SER B 556 -9.15 -20.97 10.83
N GLY B 557 -10.39 -21.34 11.11
CA GLY B 557 -11.39 -20.37 11.53
C GLY B 557 -11.94 -19.58 10.35
N GLY B 558 -11.35 -19.79 9.17
CA GLY B 558 -11.77 -19.07 7.96
C GLY B 558 -13.04 -19.51 7.26
N ASP B 559 -13.63 -20.64 7.66
CA ASP B 559 -14.86 -21.10 7.04
C ASP B 559 -14.67 -21.37 5.54
N ILE B 560 -13.58 -22.04 5.18
CA ILE B 560 -13.27 -22.35 3.79
C ILE B 560 -13.52 -23.82 3.42
N TYR B 561 -14.00 -24.03 2.20
CA TYR B 561 -14.28 -25.37 1.70
C TYR B 561 -13.67 -25.51 0.31
N HIS B 562 -12.67 -26.37 0.18
CA HIS B 562 -11.99 -26.58 -1.10
C HIS B 562 -12.42 -27.86 -1.81
N SER B 563 -13.04 -27.70 -2.98
CA SER B 563 -13.48 -28.84 -3.77
C SER B 563 -13.16 -28.65 -5.25
C1 GOL C . -9.89 28.46 -4.88
O1 GOL C . -9.21 29.73 -4.87
C2 GOL C . -9.53 27.68 -6.14
O2 GOL C . -9.53 28.55 -7.28
C3 GOL C . -8.15 27.02 -5.99
O3 GOL C . -7.85 26.26 -7.17
C01 1ML D . 25.57 41.55 -22.91
C02 1ML D . 24.54 41.22 -23.83
C03 1ML D . 23.79 42.21 -24.52
C04 1ML D . 24.07 43.59 -24.30
C05 1ML D . 25.09 43.96 -23.39
C06 1ML D . 25.86 42.97 -22.69
O07 1ML D . 22.82 41.70 -25.38
C08 1ML D . 21.90 42.48 -26.05
C09 1ML D . 22.01 42.77 -27.43
C10 1ML D . 21.02 43.56 -28.09
C11 1ML D . 19.93 44.09 -27.36
C12 1ML D . 19.84 43.81 -25.96
C13 1ML D . 20.81 43.02 -25.31
C14 1ML D . 26.27 40.39 -22.26
O15 1ML D . 26.24 39.28 -22.90
O16 1ML D . 26.82 40.58 -21.14
N17 1ML D . 26.88 43.47 -21.77
C18 1ML D . 28.26 43.84 -22.28
C19 1ML D . 28.93 42.74 -23.12
C20 1ML D . 28.32 45.15 -23.10
C21 1ML D . 26.62 43.64 -20.36
C23 1ML D . 25.21 43.28 -19.79
O22 1ML D . 27.50 44.08 -19.58
C24 1ML D . 25.32 42.47 -18.47
C25 1ML D . 23.92 42.17 -17.87
C26 1ML D . 23.11 43.47 -17.67
C27 1ML D . 23.00 44.27 -19.01
C28 1ML D . 24.38 44.58 -19.60
C29 1ML D . 21.72 43.14 -17.13
N30 1ML D . 18.90 44.85 -27.95
C31 1ML D . 18.01 45.76 -27.37
O32 1ML D . 17.93 46.08 -26.19
C33 1ML D . 17.04 46.32 -28.35
C34 1ML D . 17.42 46.72 -29.66
C35 1ML D . 16.46 47.25 -30.55
C36 1ML D . 15.09 47.39 -30.15
C37 1ML D . 14.70 46.99 -28.84
C38 1ML D . 15.68 46.46 -27.95
O39 1ML D . 14.25 47.89 -31.13
C40 1ML D . 13.86 49.26 -31.04
MG MG E . 15.52 22.19 -2.14
MG MG F . 1.04 19.92 -22.44
C1 GOL G . -18.24 -22.16 11.33
O1 GOL G . -19.48 -21.96 10.66
C2 GOL G . -17.95 -20.98 12.25
O2 GOL G . -17.73 -21.44 13.58
C3 GOL G . -16.72 -20.23 11.75
O3 GOL G . -17.11 -19.04 11.08
C01 1ML H . 9.60 -50.85 15.03
C02 1ML H . 9.32 -50.09 16.21
C03 1ML H . 8.42 -50.56 17.20
C04 1ML H . 7.77 -51.81 17.03
C05 1ML H . 8.03 -52.59 15.87
C06 1ML H . 8.95 -52.14 14.85
O07 1ML H . 8.26 -49.70 18.30
C08 1ML H . 7.32 -49.91 19.34
C09 1ML H . 7.66 -50.55 20.56
C10 1ML H . 6.67 -50.71 21.59
C11 1ML H . 5.34 -50.22 21.40
C12 1ML H . 5.03 -49.58 20.17
C13 1ML H . 6.00 -49.43 19.14
C14 1ML H . 10.59 -50.25 14.03
O15 1ML H . 11.70 -49.86 14.51
O16 1ML H . 10.25 -50.19 12.81
N17 1ML H . 9.15 -53.00 13.69
C18 1ML H . 10.18 -54.13 13.76
C19 1ML H . 11.57 -53.70 14.28
C20 1ML H . 9.74 -55.37 14.59
C21 1ML H . 8.42 -52.86 12.46
C23 1ML H . 7.34 -51.73 12.32
O22 1ML H . 8.62 -53.61 11.48
C24 1ML H . 7.44 -50.98 10.95
C25 1ML H . 6.33 -49.93 10.81
C26 1ML H . 4.92 -50.56 10.98
C27 1ML H . 4.79 -51.37 12.31
C28 1ML H . 5.94 -52.38 12.50
C29 1ML H . 3.83 -49.48 10.92
N30 1ML H . 4.31 -50.32 22.37
C31 1ML H . 3.55 -51.42 22.70
O32 1ML H . 3.64 -52.56 22.23
C33 1ML H . 2.52 -51.19 23.78
C34 1ML H . 2.89 -50.79 25.11
C35 1ML H . 1.88 -50.58 26.11
C36 1ML H . 0.49 -50.78 25.78
C37 1ML H . 0.14 -51.18 24.44
C38 1ML H . 1.16 -51.38 23.46
O39 1ML H . -0.38 -50.55 26.82
C40 1ML H . -1.51 -51.40 26.97
MG MG I . 3.05 -24.42 -2.16
MG MG J . -0.27 -20.53 22.15
#